data_7YDD
#
_entry.id   7YDD
#
_cell.length_a   58.443
_cell.length_b   148.259
_cell.length_c   63.899
_cell.angle_alpha   90.000
_cell.angle_beta   99.710
_cell.angle_gamma   90.000
#
_symmetry.space_group_name_H-M   'P 1 21 1'
#
loop_
_entity.id
_entity.type
_entity.pdbx_description
1 polymer 'P450 BM3 heme domain mutant F87A/T268P/V78I'
2 non-polymer HYDROXYAMINE
3 non-polymer 'PROTOPORPHYRIN IX CONTAINING FE'
4 non-polymer propylbenzene
5 non-polymer '(2~{S})-2-(5-imidazol-1-ylpentanoylamino)-3-phenyl-propanoic acid'
6 water water
#
_entity_poly.entity_id   1
_entity_poly.type   'polypeptide(L)'
_entity_poly.pdbx_seq_one_letter_code
;MGMTIKEMPQPKTFGELKNLPLLNTDKPVQALMKIADELGEIFKFEAPGRVTRYLSSQRLIKEACDESRFDKNLSQALKF
IRDFAGDGLATSWTHEKNWKKAHNILLPSFSQQAMKGYHAMMVDIAVQLVQKWERLNADEHIEVPEDMTRLTLDTIGLCG
FNYRFNSFYRDQPHPFITSMVRALDEAMNKLQRANPDDPAYDENKRQFQEDIKVMNDLVDKIIADRKASGEQSDDLLTHM
LNGKDPETGEPLDDENIRYQIITFLIAGHEPTSGLLSFALYFLVKNPHVLQKAAEEAARVLVDPVPSYKQVKQLKYVGMV
LNEALRLWPTAPAFSLYAKEDTVLGGEYPLEKGDELMVLIPQLHRDKTIWGDDVEEFRPERFENPSAIPQHAFKPFGNGQ
RACIGQQFALHEATLVLGMMLKHFDFEDHTNYELDIKETLTLKPEGFVVKAKSKKIPLLEHHHHHH
;
_entity_poly.pdbx_strand_id   A,B
#
loop_
_chem_comp.id
_chem_comp.type
_chem_comp.name
_chem_comp.formula
3H0 non-polymer propylbenzene 'C9 H12'
HEM non-polymer 'PROTOPORPHYRIN IX CONTAINING FE' 'C34 H32 Fe N4 O4'
HOA non-polymer HYDROXYAMINE 'H3 N O'
IRV non-polymer '(2~{S})-2-(5-imidazol-1-ylpentanoylamino)-3-phenyl-propanoic acid' 'C17 H21 N3 O3'
#
# COMPACT_ATOMS: atom_id res chain seq x y z
N LYS A 6 -4.38 28.76 -19.92
CA LYS A 6 -3.33 29.60 -19.32
C LYS A 6 -1.99 29.40 -20.00
N GLU A 7 -1.25 30.49 -20.25
CA GLU A 7 0.12 30.37 -20.72
C GLU A 7 1.08 30.37 -19.54
N MET A 8 2.05 29.41 -19.53
CA MET A 8 2.78 29.41 -18.28
C MET A 8 4.00 30.31 -18.38
N PRO A 9 4.48 30.89 -17.28
CA PRO A 9 5.66 31.75 -17.37
C PRO A 9 6.92 30.96 -17.62
N GLN A 10 7.98 31.73 -17.88
CA GLN A 10 9.27 31.13 -18.22
C GLN A 10 10.38 32.08 -17.74
N PRO A 11 11.46 31.56 -17.12
CA PRO A 11 12.51 32.47 -16.62
C PRO A 11 13.35 33.02 -17.76
N LYS A 12 14.31 33.88 -17.43
CA LYS A 12 15.04 34.60 -18.44
C LYS A 12 15.83 33.67 -19.35
N THR A 13 15.97 34.09 -20.60
CA THR A 13 16.61 33.30 -21.63
C THR A 13 17.91 33.96 -22.07
N PHE A 14 18.71 33.15 -22.80
CA PHE A 14 20.06 33.51 -23.24
C PHE A 14 20.19 33.19 -24.73
N GLY A 15 19.35 33.83 -25.53
CA GLY A 15 19.35 33.56 -26.97
C GLY A 15 19.14 32.09 -27.24
N GLU A 16 19.97 31.53 -28.14
CA GLU A 16 19.73 30.15 -28.52
C GLU A 16 20.13 29.15 -27.46
N LEU A 17 20.73 29.57 -26.33
CA LEU A 17 20.91 28.62 -25.24
C LEU A 17 19.65 28.53 -24.36
N LYS A 18 18.64 29.34 -24.67
CA LYS A 18 17.35 29.30 -23.95
C LYS A 18 17.60 29.48 -22.45
N ASN A 19 17.11 28.59 -21.59
CA ASN A 19 17.28 28.74 -20.16
C ASN A 19 18.46 27.96 -19.64
N LEU A 20 19.16 27.20 -20.49
CA LEU A 20 20.21 26.31 -19.97
C LEU A 20 21.29 26.99 -19.12
N PRO A 21 21.76 28.21 -19.41
CA PRO A 21 22.78 28.79 -18.54
C PRO A 21 22.31 29.01 -17.12
N LEU A 22 21.01 29.05 -16.86
CA LEU A 22 20.57 29.18 -15.48
C LEU A 22 21.01 28.02 -14.60
N LEU A 23 21.27 26.87 -15.18
CA LEU A 23 21.70 25.74 -14.38
C LEU A 23 23.20 25.59 -14.39
N ASN A 24 23.95 26.52 -15.00
CA ASN A 24 25.41 26.53 -14.97
C ASN A 24 25.86 27.24 -13.69
N THR A 25 25.62 26.56 -12.58
CA THR A 25 25.84 27.07 -11.24
C THR A 25 26.17 25.89 -10.34
N ASP A 26 26.84 26.21 -9.22
CA ASP A 26 27.16 25.21 -8.22
C ASP A 26 25.90 24.70 -7.51
N LYS A 27 24.84 25.50 -7.51
CA LYS A 27 23.64 25.18 -6.71
C LYS A 27 22.39 25.27 -7.57
N PRO A 28 22.23 24.36 -8.53
CA PRO A 28 21.09 24.48 -9.46
C PRO A 28 19.74 24.28 -8.83
N VAL A 29 19.59 23.38 -7.83
CA VAL A 29 18.29 23.21 -7.21
C VAL A 29 17.88 24.47 -6.47
N GLN A 30 18.82 25.09 -5.76
CA GLN A 30 18.50 26.32 -5.07
C GLN A 30 18.21 27.47 -6.07
N ALA A 31 18.88 27.46 -7.24
CA ALA A 31 18.53 28.42 -8.29
C ALA A 31 17.11 28.19 -8.80
N LEU A 32 16.71 26.91 -8.98
CA LEU A 32 15.36 26.62 -9.44
C LEU A 32 14.31 26.99 -8.39
N MET A 33 14.64 26.84 -7.10
CA MET A 33 13.73 27.23 -6.03
C MET A 33 13.46 28.73 -6.07
N LYS A 34 14.51 29.52 -6.33
CA LYS A 34 14.33 30.97 -6.41
C LYS A 34 13.49 31.35 -7.65
N ILE A 35 13.66 30.67 -8.77
CA ILE A 35 12.81 30.91 -9.93
C ILE A 35 11.36 30.59 -9.58
N ALA A 36 11.13 29.45 -8.93
CA ALA A 36 9.79 29.14 -8.49
C ALA A 36 9.23 30.20 -7.57
N ASP A 37 10.06 30.74 -6.67
CA ASP A 37 9.57 31.80 -5.78
C ASP A 37 9.07 32.98 -6.57
N GLU A 38 9.75 33.30 -7.67
CA GLU A 38 9.39 34.44 -8.50
C GLU A 38 8.21 34.14 -9.42
N LEU A 39 8.20 32.97 -10.05
CA LEU A 39 7.23 32.66 -11.11
C LEU A 39 6.00 31.88 -10.65
N GLY A 40 6.08 31.18 -9.53
CA GLY A 40 4.93 30.47 -9.03
C GLY A 40 4.95 28.99 -9.34
N GLU A 41 3.74 28.40 -9.29
CA GLU A 41 3.59 26.94 -9.19
C GLU A 41 4.01 26.18 -10.43
N ILE A 42 4.16 26.84 -11.57
CA ILE A 42 4.62 26.14 -12.77
C ILE A 42 5.40 27.11 -13.67
N PHE A 43 6.54 26.63 -14.19
CA PHE A 43 7.24 27.42 -15.22
C PHE A 43 7.84 26.49 -16.26
N LYS A 44 7.85 27.00 -17.49
CA LYS A 44 8.46 26.33 -18.63
C LYS A 44 9.98 26.51 -18.57
N PHE A 45 10.74 25.45 -18.88
CA PHE A 45 12.19 25.54 -18.85
C PHE A 45 12.71 24.87 -20.12
N GLU A 46 13.42 25.64 -20.94
CA GLU A 46 13.83 25.15 -22.25
C GLU A 46 15.35 25.13 -22.32
N ALA A 47 15.86 24.12 -22.99
CA ALA A 47 17.27 24.03 -23.33
C ALA A 47 17.33 23.62 -24.79
N PRO A 48 18.51 23.76 -25.44
CA PRO A 48 18.58 23.32 -26.84
C PRO A 48 18.11 21.89 -27.00
N GLY A 49 17.05 21.70 -27.79
CA GLY A 49 16.50 20.37 -28.00
C GLY A 49 15.71 19.78 -26.85
N ARG A 50 15.33 20.57 -25.84
CA ARG A 50 14.64 20.00 -24.70
C ARG A 50 13.66 21.02 -24.11
N VAL A 51 12.49 20.52 -23.68
CA VAL A 51 11.51 21.34 -22.94
C VAL A 51 11.06 20.56 -21.72
N THR A 52 10.97 21.22 -20.57
CA THR A 52 10.32 20.60 -19.43
C THR A 52 9.54 21.67 -18.68
N ARG A 53 8.73 21.24 -17.70
CA ARG A 53 7.93 22.17 -16.93
C ARG A 53 8.17 21.83 -15.47
N TYR A 54 8.64 22.82 -14.68
CA TYR A 54 8.89 22.61 -13.25
C TYR A 54 7.63 22.91 -12.43
N LEU A 55 7.21 21.93 -11.63
CA LEU A 55 6.03 22.04 -10.77
C LEU A 55 6.45 22.23 -9.32
N SER A 56 5.74 23.11 -8.62
CA SER A 56 6.03 23.46 -7.23
C SER A 56 4.84 23.47 -6.30
N SER A 57 3.62 23.31 -6.79
CA SER A 57 2.46 23.36 -5.91
C SER A 57 1.86 21.98 -5.74
N GLN A 58 1.32 21.77 -4.57
CA GLN A 58 0.60 20.53 -4.35
C GLN A 58 -0.61 20.43 -5.29
N ARG A 59 -1.22 21.56 -5.64
CA ARG A 59 -2.41 21.53 -6.51
C ARG A 59 -2.10 20.83 -7.83
N LEU A 60 -0.93 21.11 -8.41
CA LEU A 60 -0.56 20.43 -9.65
C LEU A 60 0.16 19.12 -9.44
N ILE A 61 1.03 19.06 -8.43
CA ILE A 61 1.79 17.83 -8.29
C ILE A 61 0.87 16.67 -7.93
N LYS A 62 -0.25 16.92 -7.24
CA LYS A 62 -1.15 15.80 -6.93
C LYS A 62 -1.72 15.18 -8.21
N GLU A 63 -1.86 15.96 -9.28
CA GLU A 63 -2.25 15.39 -10.58
C GLU A 63 -1.11 14.66 -11.26
N ALA A 64 0.09 15.22 -11.17
CA ALA A 64 1.26 14.62 -11.79
C ALA A 64 1.55 13.25 -11.20
N CYS A 65 1.10 13.00 -9.95
CA CYS A 65 1.35 11.73 -9.27
C CYS A 65 0.35 10.65 -9.60
N ASP A 66 -0.62 10.95 -10.47
CA ASP A 66 -1.57 9.98 -10.97
C ASP A 66 -0.87 9.06 -11.96
N GLU A 67 -0.62 7.80 -11.54
CA GLU A 67 0.16 6.88 -12.36
C GLU A 67 -0.57 6.43 -13.59
N SER A 68 -1.90 6.66 -13.69
CA SER A 68 -2.58 6.36 -14.94
C SER A 68 -2.33 7.42 -16.00
N ARG A 69 -1.86 8.61 -15.60
CA ARG A 69 -1.63 9.70 -16.52
C ARG A 69 -0.17 9.98 -16.75
N PHE A 70 0.69 9.70 -15.76
CA PHE A 70 2.12 10.02 -15.83
C PHE A 70 2.97 8.89 -15.33
N ASP A 71 4.14 8.71 -15.94
CA ASP A 71 5.09 7.66 -15.51
C ASP A 71 6.45 8.30 -15.27
N LYS A 72 7.34 7.59 -14.60
CA LYS A 72 8.70 8.11 -14.34
C LYS A 72 9.45 8.35 -15.64
N ASN A 73 10.04 9.54 -15.73
CA ASN A 73 10.94 9.90 -16.82
C ASN A 73 12.36 9.88 -16.29
N LEU A 74 13.31 9.52 -17.15
CA LEU A 74 14.71 9.73 -16.79
C LEU A 74 15.10 11.19 -17.09
N SER A 75 15.34 11.96 -16.06
CA SER A 75 15.90 13.29 -16.25
C SER A 75 17.24 13.20 -16.97
N GLN A 76 17.76 14.35 -17.45
CA GLN A 76 19.06 14.26 -18.10
C GLN A 76 20.12 13.75 -17.13
N ALA A 77 20.01 14.14 -15.85
CA ALA A 77 20.94 13.64 -14.85
C ALA A 77 20.88 12.12 -14.77
N LEU A 78 19.68 11.55 -14.69
CA LEU A 78 19.61 10.09 -14.60
C LEU A 78 20.08 9.46 -15.88
N LYS A 79 19.81 10.09 -17.03
CA LYS A 79 20.26 9.48 -18.28
C LYS A 79 21.78 9.38 -18.32
N PHE A 80 22.48 10.43 -17.84
CA PHE A 80 23.93 10.36 -17.84
C PHE A 80 24.43 9.41 -16.76
N ILE A 81 23.72 9.30 -15.64
CA ILE A 81 24.14 8.32 -14.63
C ILE A 81 23.93 6.89 -15.12
N ARG A 82 22.94 6.68 -15.98
CA ARG A 82 22.72 5.36 -16.55
C ARG A 82 23.95 4.84 -17.30
N ASP A 83 24.87 5.73 -17.72
CA ASP A 83 26.05 5.17 -18.36
C ASP A 83 26.86 4.28 -17.41
N PHE A 84 26.75 4.43 -16.07
CA PHE A 84 27.36 3.43 -15.19
C PHE A 84 26.39 2.71 -14.26
N ALA A 85 25.15 3.19 -14.10
CA ALA A 85 24.16 2.46 -13.30
C ALA A 85 23.25 1.60 -14.16
N GLY A 86 23.35 1.71 -15.48
CA GLY A 86 22.67 0.76 -16.39
C GLY A 86 21.17 0.69 -16.16
N ASP A 87 20.64 -0.54 -16.27
CA ASP A 87 19.22 -0.75 -16.00
C ASP A 87 19.03 -1.26 -14.58
N GLY A 88 19.86 -0.76 -13.66
CA GLY A 88 19.52 -0.85 -12.25
C GLY A 88 18.19 -0.20 -11.98
N LEU A 89 17.69 -0.40 -10.74
CA LEU A 89 16.31 -0.01 -10.45
C LEU A 89 16.07 1.49 -10.64
N ALA A 90 17.04 2.34 -10.28
CA ALA A 90 16.82 3.78 -10.27
C ALA A 90 16.95 4.39 -11.65
N THR A 91 17.66 3.72 -12.58
CA THR A 91 17.86 4.33 -13.89
C THR A 91 17.22 3.52 -14.99
N SER A 92 16.27 2.62 -14.62
CA SER A 92 15.46 1.86 -15.58
C SER A 92 14.14 2.58 -15.88
N TRP A 93 13.64 2.40 -17.11
CA TRP A 93 12.28 2.81 -17.46
C TRP A 93 11.34 1.73 -16.95
N THR A 94 10.12 2.15 -16.58
CA THR A 94 9.16 1.22 -15.99
C THR A 94 8.83 0.08 -16.94
N HIS A 95 8.91 0.33 -18.23
CA HIS A 95 8.56 -0.66 -19.22
C HIS A 95 9.70 -1.59 -19.59
N GLU A 96 10.91 -1.41 -19.04
CA GLU A 96 11.97 -2.36 -19.32
C GLU A 96 11.76 -3.58 -18.46
N LYS A 97 11.94 -4.74 -19.07
CA LYS A 97 11.73 -6.01 -18.36
C LYS A 97 12.49 -6.03 -17.05
N ASN A 98 13.71 -5.55 -17.01
CA ASN A 98 14.50 -5.64 -15.81
C ASN A 98 14.04 -4.74 -14.65
N TRP A 99 13.21 -3.75 -14.94
CA TRP A 99 12.68 -2.95 -13.83
C TRP A 99 11.76 -3.78 -12.95
N LYS A 100 10.67 -4.26 -13.54
CA LYS A 100 9.71 -5.00 -12.75
C LYS A 100 10.31 -6.29 -12.19
N LYS A 101 11.15 -6.92 -12.99
CA LYS A 101 11.81 -8.13 -12.47
C LYS A 101 12.63 -7.84 -11.21
N ALA A 102 13.50 -6.83 -11.25
CA ALA A 102 14.29 -6.51 -10.07
C ALA A 102 13.42 -5.97 -8.93
N HIS A 103 12.37 -5.22 -9.28
CA HIS A 103 11.46 -4.69 -8.25
C HIS A 103 10.80 -5.83 -7.49
N ASN A 104 10.29 -6.83 -8.19
CA ASN A 104 9.65 -7.95 -7.53
C ASN A 104 10.64 -8.75 -6.72
N ILE A 105 11.85 -8.93 -7.22
CA ILE A 105 12.83 -9.73 -6.50
C ILE A 105 13.31 -9.03 -5.25
N LEU A 106 13.47 -7.70 -5.29
CA LEU A 106 14.12 -7.01 -4.19
C LEU A 106 13.15 -6.42 -3.18
N LEU A 107 11.87 -6.26 -3.48
CA LEU A 107 10.94 -5.75 -2.48
C LEU A 107 10.99 -6.50 -1.15
N PRO A 108 11.05 -7.83 -1.12
CA PRO A 108 11.17 -8.53 0.19
C PRO A 108 12.50 -8.30 0.92
N SER A 109 13.53 -7.74 0.26
CA SER A 109 14.73 -7.34 1.00
C SER A 109 14.54 -6.08 1.77
N PHE A 110 13.38 -5.48 1.65
CA PHE A 110 13.08 -4.27 2.41
C PHE A 110 11.78 -4.43 3.19
N SER A 111 11.44 -5.65 3.54
CA SER A 111 10.27 -5.88 4.38
C SER A 111 10.64 -5.49 5.81
N GLN A 112 9.67 -5.30 6.69
CA GLN A 112 10.05 -5.00 8.06
C GLN A 112 10.72 -6.22 8.68
N GLN A 113 10.48 -7.38 8.14
CA GLN A 113 11.16 -8.55 8.60
C GLN A 113 12.61 -8.49 8.19
N ALA A 114 12.85 -7.96 6.99
CA ALA A 114 14.22 -7.86 6.55
C ALA A 114 14.92 -6.79 7.37
N MET A 115 14.20 -5.76 7.73
CA MET A 115 14.80 -4.74 8.56
C MET A 115 15.21 -5.33 9.90
N LYS A 116 14.39 -6.24 10.46
CA LYS A 116 14.83 -6.90 11.69
C LYS A 116 16.17 -7.59 11.50
N GLY A 117 16.40 -8.17 10.31
CA GLY A 117 17.68 -8.82 10.08
C GLY A 117 18.84 -7.87 9.84
N TYR A 118 18.60 -6.66 9.28
CA TYR A 118 19.66 -5.66 9.10
C TYR A 118 20.03 -4.97 10.40
N HIS A 119 19.15 -5.05 11.40
CA HIS A 119 19.27 -4.19 12.56
C HIS A 119 20.63 -4.33 13.26
N ALA A 120 21.08 -5.58 13.50
CA ALA A 120 22.32 -5.78 14.24
C ALA A 120 23.50 -5.16 13.52
N MET A 121 23.52 -5.23 12.18
CA MET A 121 24.66 -4.61 11.49
C MET A 121 24.57 -3.10 11.45
N MET A 122 23.35 -2.54 11.38
CA MET A 122 23.20 -1.11 11.57
C MET A 122 23.73 -0.67 12.92
N VAL A 123 23.46 -1.47 13.98
CA VAL A 123 23.98 -1.12 15.31
C VAL A 123 25.50 -1.16 15.32
N ASP A 124 26.08 -2.16 14.64
CA ASP A 124 27.54 -2.28 14.56
C ASP A 124 28.15 -0.95 14.12
N ILE A 125 27.62 -0.34 13.05
CA ILE A 125 28.22 0.88 12.55
C ILE A 125 27.87 2.06 13.44
N ALA A 126 26.62 2.11 13.93
CA ALA A 126 26.22 3.21 14.81
C ALA A 126 27.08 3.25 16.06
N VAL A 127 27.39 2.09 16.63
CA VAL A 127 28.29 2.05 17.81
C VAL A 127 29.68 2.57 17.42
N GLN A 128 30.17 2.25 16.21
CA GLN A 128 31.45 2.85 15.81
C GLN A 128 31.39 4.38 15.80
N LEU A 129 30.29 4.96 15.31
CA LEU A 129 30.16 6.41 15.31
C LEU A 129 30.15 6.94 16.74
N VAL A 130 29.35 6.32 17.61
CA VAL A 130 29.31 6.79 19.00
C VAL A 130 30.69 6.71 19.65
N GLN A 131 31.40 5.60 19.45
CA GLN A 131 32.73 5.44 20.03
C GLN A 131 33.70 6.47 19.48
N LYS A 132 33.62 6.81 18.19
CA LYS A 132 34.47 7.87 17.67
C LYS A 132 34.29 9.17 18.45
N TRP A 133 33.04 9.54 18.66
CA TRP A 133 32.74 10.83 19.30
C TRP A 133 33.05 10.80 20.79
N GLU A 134 32.89 9.61 21.44
CA GLU A 134 33.27 9.47 22.84
C GLU A 134 34.78 9.63 23.02
N ARG A 135 35.55 9.31 21.99
CA ARG A 135 36.99 9.30 22.06
C ARG A 135 37.64 10.62 21.65
N LEU A 136 36.88 11.64 21.27
CA LEU A 136 37.47 12.93 20.98
C LEU A 136 37.96 13.61 22.25
N ASN A 137 39.04 14.38 22.13
CA ASN A 137 39.59 15.11 23.26
C ASN A 137 38.83 16.42 23.49
N ALA A 138 39.13 17.05 24.64
CA ALA A 138 38.53 18.32 25.00
C ALA A 138 38.59 19.33 23.86
N ASP A 139 37.43 19.94 23.60
CA ASP A 139 37.23 21.02 22.64
C ASP A 139 37.53 20.66 21.20
N GLU A 140 37.72 19.38 20.90
CA GLU A 140 37.70 18.95 19.52
C GLU A 140 36.27 18.98 19.03
N HIS A 141 36.11 19.06 17.71
CA HIS A 141 34.76 19.12 17.13
C HIS A 141 34.54 17.99 16.12
N ILE A 142 33.29 17.92 15.68
CA ILE A 142 32.78 16.90 14.77
C ILE A 142 32.53 17.55 13.42
N GLU A 143 32.97 16.90 12.32
CA GLU A 143 32.61 17.33 10.96
C GLU A 143 31.38 16.52 10.56
N VAL A 144 30.21 17.16 10.57
CA VAL A 144 28.98 16.37 10.61
C VAL A 144 28.70 15.62 9.31
N PRO A 145 28.61 16.24 8.13
CA PRO A 145 28.31 15.42 6.94
C PRO A 145 29.39 14.39 6.65
N GLU A 146 30.64 14.71 7.01
CA GLU A 146 31.75 13.75 6.82
C GLU A 146 31.50 12.49 7.62
N ASP A 147 31.17 12.66 8.90
CA ASP A 147 30.91 11.46 9.72
C ASP A 147 29.61 10.76 9.38
N MET A 148 28.57 11.52 8.98
CA MET A 148 27.32 10.84 8.57
C MET A 148 27.54 10.04 7.31
N THR A 149 28.38 10.54 6.40
CA THR A 149 28.65 9.76 5.20
C THR A 149 29.45 8.50 5.52
N ARG A 150 30.43 8.62 6.42
CA ARG A 150 31.14 7.45 6.90
C ARG A 150 30.16 6.39 7.39
N LEU A 151 29.19 6.82 8.16
CA LEU A 151 28.22 5.89 8.70
C LEU A 151 27.31 5.31 7.65
N THR A 152 26.73 6.16 6.80
CA THR A 152 25.76 5.57 5.86
C THR A 152 26.45 4.71 4.80
N LEU A 153 27.64 5.10 4.37
CA LEU A 153 28.39 4.22 3.45
C LEU A 153 28.68 2.87 4.10
N ASP A 154 29.18 2.88 5.34
CA ASP A 154 29.52 1.60 5.99
C ASP A 154 28.28 0.75 6.21
N THR A 155 27.15 1.39 6.50
CA THR A 155 25.93 0.65 6.79
C THR A 155 25.40 -0.05 5.54
N ILE A 156 25.36 0.65 4.40
CA ILE A 156 24.88 -0.05 3.20
C ILE A 156 25.89 -1.12 2.75
N GLY A 157 27.20 -0.87 2.89
CA GLY A 157 28.13 -1.93 2.50
C GLY A 157 27.96 -3.20 3.35
N LEU A 158 27.82 -3.05 4.64
CA LEU A 158 27.72 -4.19 5.53
C LEU A 158 26.38 -4.87 5.48
N CYS A 159 25.34 -4.11 5.69
CA CYS A 159 24.02 -4.66 5.70
C CYS A 159 23.69 -5.29 4.38
N GLY A 160 24.05 -4.65 3.29
CA GLY A 160 23.67 -5.17 2.04
C GLY A 160 24.56 -6.17 1.38
N PHE A 161 25.86 -6.09 1.64
CA PHE A 161 26.79 -6.90 0.88
C PHE A 161 27.83 -7.57 1.75
N ASN A 162 27.74 -7.41 3.08
CA ASN A 162 28.74 -7.95 4.01
C ASN A 162 30.12 -7.49 3.61
N TYR A 163 30.24 -6.24 3.18
CA TYR A 163 31.52 -5.64 2.84
C TYR A 163 31.79 -4.49 3.80
N ARG A 164 33.00 -4.45 4.36
CA ARG A 164 33.31 -3.39 5.31
C ARG A 164 34.14 -2.33 4.62
N PHE A 165 33.57 -1.14 4.44
CA PHE A 165 34.36 -0.01 3.90
C PHE A 165 35.31 0.53 4.94
N ASN A 166 35.05 0.27 6.23
CA ASN A 166 35.92 0.69 7.33
C ASN A 166 36.18 2.21 7.28
N SER A 167 35.10 2.95 7.05
CA SER A 167 35.23 4.41 6.86
C SER A 167 35.74 5.10 8.11
N PHE A 168 35.45 4.55 9.30
CA PHE A 168 35.92 5.19 10.54
C PHE A 168 37.37 4.89 10.84
N TYR A 169 38.06 4.11 10.01
CA TYR A 169 39.47 3.88 10.08
C TYR A 169 40.25 4.81 9.14
N ARG A 170 39.56 5.72 8.45
CA ARG A 170 40.15 6.50 7.38
C ARG A 170 39.91 8.00 7.55
N ASP A 171 40.93 8.78 7.20
CA ASP A 171 40.74 10.20 6.89
C ASP A 171 40.25 10.39 5.46
N GLN A 172 41.04 9.95 4.49
CA GLN A 172 40.66 10.12 3.11
C GLN A 172 39.50 9.20 2.77
N PRO A 173 38.54 9.65 1.97
CA PRO A 173 37.42 8.77 1.62
C PRO A 173 37.93 7.52 0.93
N HIS A 174 37.15 6.47 1.04
CA HIS A 174 37.48 5.25 0.34
C HIS A 174 37.62 5.54 -1.15
N PRO A 175 38.57 4.89 -1.85
CA PRO A 175 38.73 5.11 -3.29
C PRO A 175 37.45 4.97 -4.10
N PHE A 176 36.54 4.10 -3.65
CA PHE A 176 35.26 3.98 -4.32
C PHE A 176 34.52 5.31 -4.31
N ILE A 177 34.53 6.00 -3.16
CA ILE A 177 33.82 7.26 -3.04
C ILE A 177 34.46 8.33 -3.93
N THR A 178 35.79 8.42 -3.90
CA THR A 178 36.44 9.41 -4.76
C THR A 178 36.02 9.24 -6.20
N SER A 179 36.02 8.00 -6.68
CA SER A 179 35.63 7.70 -8.06
C SER A 179 34.12 7.89 -8.26
N MET A 180 33.30 7.46 -7.30
CA MET A 180 31.86 7.64 -7.41
C MET A 180 31.51 9.11 -7.50
N VAL A 181 32.10 9.92 -6.62
CA VAL A 181 31.77 11.35 -6.64
C VAL A 181 32.18 11.96 -7.97
N ARG A 182 33.37 11.60 -8.43
CA ARG A 182 33.89 12.19 -9.67
C ARG A 182 33.07 11.76 -10.86
N ALA A 183 32.63 10.49 -10.86
CA ALA A 183 31.77 9.99 -11.95
C ALA A 183 30.39 10.65 -11.91
N LEU A 184 29.81 10.84 -10.72
CA LEU A 184 28.52 11.55 -10.64
C LEU A 184 28.66 13.01 -11.09
N ASP A 185 29.73 13.66 -10.69
CA ASP A 185 29.92 15.04 -11.12
C ASP A 185 30.13 15.13 -12.63
N GLU A 186 30.88 14.18 -13.22
CA GLU A 186 31.06 14.23 -14.66
C GLU A 186 29.72 14.01 -15.38
N ALA A 187 28.95 13.03 -14.93
CA ALA A 187 27.65 12.79 -15.54
C ALA A 187 26.79 14.05 -15.52
N MET A 188 26.74 14.73 -14.37
CA MET A 188 25.95 15.96 -14.30
C MET A 188 26.56 17.11 -15.12
N ASN A 189 27.89 17.16 -15.25
CA ASN A 189 28.49 18.24 -16.04
C ASN A 189 28.10 18.16 -17.51
N LYS A 190 27.75 16.98 -17.99
CA LYS A 190 27.44 16.84 -19.40
C LYS A 190 26.20 17.58 -19.83
N LEU A 191 25.40 17.98 -18.88
CA LEU A 191 24.18 18.71 -19.18
C LEU A 191 24.46 20.04 -19.89
N GLN A 192 25.55 20.66 -19.55
CA GLN A 192 25.89 21.95 -20.13
C GLN A 192 26.75 21.91 -21.40
N ARG A 193 27.14 20.73 -21.85
CA ARG A 193 28.07 20.61 -22.97
C ARG A 193 27.34 20.63 -24.29
N ALA A 194 27.54 21.73 -25.04
CA ALA A 194 26.89 21.88 -26.33
C ALA A 194 27.49 20.94 -27.37
N ASN A 195 28.80 20.71 -27.29
CA ASN A 195 29.54 19.93 -28.29
C ASN A 195 30.30 18.84 -27.56
N PRO A 196 29.61 17.82 -27.06
CA PRO A 196 30.28 16.87 -26.15
C PRO A 196 31.38 16.04 -26.80
N ASP A 197 31.50 16.01 -28.12
CA ASP A 197 32.62 15.32 -28.75
C ASP A 197 33.78 16.25 -29.06
N ASP A 198 33.73 17.47 -28.54
CA ASP A 198 34.88 18.38 -28.68
C ASP A 198 36.10 17.73 -28.03
N PRO A 199 37.26 17.74 -28.69
CA PRO A 199 38.44 17.11 -28.07
C PRO A 199 38.80 17.70 -26.72
N ALA A 200 38.28 18.90 -26.38
CA ALA A 200 38.49 19.44 -25.05
C ALA A 200 38.02 18.52 -23.96
N TYR A 201 37.08 17.62 -24.25
CA TYR A 201 36.55 16.74 -23.22
C TYR A 201 37.21 15.37 -23.21
N ASP A 202 38.27 15.17 -23.98
CA ASP A 202 38.91 13.85 -24.04
C ASP A 202 39.40 13.41 -22.67
N GLU A 203 40.01 14.33 -21.92
CA GLU A 203 40.48 13.95 -20.58
C GLU A 203 39.32 13.57 -19.66
N ASN A 204 38.22 14.33 -19.73
CA ASN A 204 37.05 14.02 -18.91
C ASN A 204 36.53 12.63 -19.20
N LYS A 205 36.51 12.27 -20.48
CA LYS A 205 36.04 10.96 -20.87
C LYS A 205 36.99 9.87 -20.37
N ARG A 206 38.30 10.08 -20.51
CA ARG A 206 39.23 9.08 -20.02
C ARG A 206 39.10 8.91 -18.52
N GLN A 207 38.96 10.01 -17.78
CA GLN A 207 38.78 9.93 -16.34
C GLN A 207 37.48 9.22 -15.97
N PHE A 208 36.41 9.47 -16.73
CA PHE A 208 35.12 8.84 -16.45
C PHE A 208 35.24 7.34 -16.56
N GLN A 209 35.90 6.87 -17.64
CA GLN A 209 36.08 5.43 -17.81
C GLN A 209 36.90 4.85 -16.67
N GLU A 210 37.92 5.57 -16.23
CA GLU A 210 38.73 5.10 -15.11
C GLU A 210 37.91 4.96 -13.85
N ASP A 211 37.07 5.97 -13.55
CA ASP A 211 36.25 5.94 -12.35
C ASP A 211 35.21 4.83 -12.41
N ILE A 212 34.62 4.60 -13.58
CA ILE A 212 33.65 3.51 -13.70
C ILE A 212 34.36 2.17 -13.45
N LYS A 213 35.61 2.06 -13.87
CA LYS A 213 36.36 0.82 -13.67
C LYS A 213 36.66 0.59 -12.20
N VAL A 214 37.03 1.66 -11.47
CA VAL A 214 37.23 1.55 -10.01
C VAL A 214 35.96 1.03 -9.36
N MET A 215 34.81 1.62 -9.72
CA MET A 215 33.55 1.19 -9.14
C MET A 215 33.27 -0.26 -9.50
N ASN A 216 33.46 -0.61 -10.77
CA ASN A 216 33.15 -1.98 -11.17
C ASN A 216 34.13 -3.00 -10.57
N ASP A 217 35.37 -2.58 -10.29
CA ASP A 217 36.29 -3.49 -9.60
C ASP A 217 35.80 -3.84 -8.20
N LEU A 218 35.25 -2.86 -7.48
CA LEU A 218 34.72 -3.18 -6.16
C LEU A 218 33.54 -4.15 -6.27
N VAL A 219 32.67 -3.94 -7.27
CA VAL A 219 31.53 -4.85 -7.45
C VAL A 219 32.00 -6.27 -7.72
N ASP A 220 33.05 -6.42 -8.53
CA ASP A 220 33.62 -7.76 -8.76
C ASP A 220 34.13 -8.38 -7.47
N LYS A 221 34.82 -7.57 -6.65
CA LYS A 221 35.30 -8.05 -5.35
C LYS A 221 34.13 -8.52 -4.48
N ILE A 222 33.09 -7.69 -4.37
CA ILE A 222 31.92 -8.04 -3.57
C ILE A 222 31.32 -9.35 -4.05
N ILE A 223 31.20 -9.51 -5.37
CA ILE A 223 30.57 -10.71 -5.88
C ILE A 223 31.47 -11.92 -5.67
N ALA A 224 32.78 -11.78 -5.91
CA ALA A 224 33.69 -12.92 -5.72
C ALA A 224 33.77 -13.34 -4.26
N ASP A 225 33.85 -12.37 -3.34
CA ASP A 225 33.88 -12.69 -1.91
C ASP A 225 32.65 -13.51 -1.51
N ARG A 226 31.49 -13.08 -1.99
CA ARG A 226 30.26 -13.80 -1.60
C ARG A 226 30.27 -15.20 -2.19
N LYS A 227 30.60 -15.32 -3.46
CA LYS A 227 30.52 -16.65 -4.10
C LYS A 227 31.51 -17.61 -3.44
N ALA A 228 32.52 -17.09 -2.73
CA ALA A 228 33.47 -17.98 -2.03
C ALA A 228 32.80 -18.39 -0.73
N SER A 229 32.38 -17.42 0.07
CA SER A 229 31.77 -17.62 1.41
C SER A 229 30.64 -18.66 1.45
N GLY A 230 29.79 -18.72 0.42
CA GLY A 230 28.63 -19.64 0.36
C GLY A 230 27.37 -18.87 0.68
N GLU A 231 26.21 -19.33 0.22
CA GLU A 231 24.94 -18.56 0.49
C GLU A 231 24.62 -18.65 1.98
N GLN A 232 25.09 -17.69 2.78
CA GLN A 232 24.90 -17.78 4.27
C GLN A 232 24.97 -16.39 4.89
N SER A 233 24.26 -15.45 4.29
CA SER A 233 24.32 -14.06 4.81
C SER A 233 22.93 -13.49 4.87
N ASP A 234 22.01 -14.08 4.11
CA ASP A 234 20.62 -13.62 3.97
C ASP A 234 20.57 -12.09 3.92
N ASP A 235 21.31 -11.49 2.98
CA ASP A 235 21.32 -10.02 2.83
C ASP A 235 20.88 -9.64 1.41
N LEU A 236 21.08 -8.36 1.04
CA LEU A 236 20.64 -7.90 -0.28
C LEU A 236 21.28 -8.69 -1.39
N LEU A 237 22.59 -8.88 -1.30
CA LEU A 237 23.31 -9.63 -2.33
C LEU A 237 22.77 -11.05 -2.40
N THR A 238 22.43 -11.64 -1.27
CA THR A 238 21.81 -12.99 -1.32
C THR A 238 20.57 -12.98 -2.20
N HIS A 239 19.69 -11.99 -2.03
CA HIS A 239 18.50 -11.97 -2.89
C HIS A 239 18.84 -11.62 -4.33
N MET A 240 19.78 -10.68 -4.55
CA MET A 240 20.17 -10.37 -5.93
C MET A 240 20.72 -11.62 -6.63
N LEU A 241 21.40 -12.53 -5.90
CA LEU A 241 22.04 -13.69 -6.50
C LEU A 241 21.12 -14.89 -6.60
N ASN A 242 20.09 -14.98 -5.75
CA ASN A 242 19.28 -16.19 -5.66
C ASN A 242 17.78 -15.97 -5.85
N GLY A 243 17.28 -14.77 -5.67
CA GLY A 243 15.85 -14.55 -5.75
C GLY A 243 15.32 -14.75 -7.15
N LYS A 244 14.09 -15.23 -7.23
CA LYS A 244 13.42 -15.43 -8.51
C LYS A 244 12.19 -14.52 -8.58
N ASP A 245 11.99 -13.91 -9.72
CA ASP A 245 10.79 -13.06 -9.90
C ASP A 245 9.55 -13.93 -9.93
N PRO A 246 8.55 -13.69 -9.07
CA PRO A 246 7.34 -14.54 -9.11
C PRO A 246 6.62 -14.50 -10.44
N GLU A 247 6.68 -13.38 -11.19
CA GLU A 247 5.96 -13.26 -12.45
C GLU A 247 6.59 -14.10 -13.57
N THR A 248 7.82 -13.73 -13.97
CA THR A 248 8.55 -14.45 -15.04
C THR A 248 9.17 -15.76 -14.56
N GLY A 249 9.38 -15.93 -13.23
CA GLY A 249 10.11 -17.10 -12.73
C GLY A 249 11.63 -17.00 -12.84
N GLU A 250 12.11 -15.92 -13.32
CA GLU A 250 13.53 -15.77 -13.63
C GLU A 250 14.30 -15.09 -12.49
N PRO A 251 15.57 -15.43 -12.33
CA PRO A 251 16.48 -14.63 -11.49
C PRO A 251 17.07 -13.48 -12.30
N LEU A 252 17.74 -12.56 -11.59
CA LEU A 252 18.46 -11.49 -12.26
C LEU A 252 19.68 -12.05 -13.00
N ASP A 253 19.94 -11.54 -14.20
CA ASP A 253 21.14 -11.96 -14.91
C ASP A 253 22.36 -11.25 -14.35
N ASP A 254 23.54 -11.76 -14.74
CA ASP A 254 24.77 -11.27 -14.08
C ASP A 254 25.04 -9.80 -14.36
N GLU A 255 24.78 -9.33 -15.58
CA GLU A 255 25.02 -7.90 -15.86
C GLU A 255 24.12 -7.01 -15.01
N ASN A 256 22.86 -7.40 -14.87
CA ASN A 256 21.94 -6.56 -14.10
C ASN A 256 22.28 -6.57 -12.63
N ILE A 257 22.78 -7.70 -12.11
CA ILE A 257 23.18 -7.70 -10.70
C ILE A 257 24.27 -6.68 -10.45
N ARG A 258 25.27 -6.60 -11.32
CA ARG A 258 26.34 -5.60 -11.12
C ARG A 258 25.75 -4.19 -11.10
N TYR A 259 24.82 -3.88 -12.01
CA TYR A 259 24.21 -2.56 -12.00
C TYR A 259 23.45 -2.32 -10.72
N GLN A 260 22.78 -3.34 -10.17
CA GLN A 260 22.07 -3.13 -8.92
C GLN A 260 23.03 -2.84 -7.75
N ILE A 261 24.18 -3.52 -7.72
CA ILE A 261 25.11 -3.28 -6.62
C ILE A 261 25.61 -1.84 -6.65
N ILE A 262 25.97 -1.36 -7.84
CA ILE A 262 26.38 0.05 -7.98
C ILE A 262 25.27 0.99 -7.56
N THR A 263 24.05 0.71 -8.03
CA THR A 263 22.89 1.53 -7.72
C THR A 263 22.67 1.60 -6.23
N PHE A 264 22.67 0.44 -5.54
CA PHE A 264 22.34 0.46 -4.13
C PHE A 264 23.45 1.04 -3.26
N LEU A 265 24.69 0.87 -3.66
CA LEU A 265 25.78 1.43 -2.87
C LEU A 265 25.71 2.95 -2.91
N ILE A 266 25.36 3.51 -4.07
CA ILE A 266 25.17 4.94 -4.20
C ILE A 266 23.89 5.38 -3.51
N ALA A 267 22.74 4.83 -3.96
CA ALA A 267 21.44 5.27 -3.43
C ALA A 267 21.30 4.99 -1.96
N GLY A 268 21.90 3.89 -1.49
CA GLY A 268 21.72 3.49 -0.09
C GLY A 268 22.51 4.28 0.92
N HIS A 269 23.36 5.20 0.45
CA HIS A 269 24.13 5.99 1.43
C HIS A 269 24.04 7.51 1.20
N GLU A 270 23.89 7.98 -0.04
CA GLU A 270 24.09 9.43 -0.25
C GLU A 270 22.98 10.27 0.37
N PRO A 271 21.71 10.15 -0.03
CA PRO A 271 20.70 11.02 0.59
C PRO A 271 20.47 10.74 2.07
N THR A 272 20.80 9.53 2.56
CA THR A 272 20.64 9.32 3.99
C THR A 272 21.67 10.13 4.76
N SER A 273 22.85 10.27 4.22
CA SER A 273 23.85 11.06 4.97
C SER A 273 23.43 12.52 5.02
N GLY A 274 22.84 13.03 3.95
CA GLY A 274 22.28 14.38 3.98
C GLY A 274 21.16 14.53 4.99
N LEU A 275 20.25 13.55 5.04
CA LEU A 275 19.14 13.62 5.98
C LEU A 275 19.67 13.69 7.40
N LEU A 276 20.61 12.83 7.76
CA LEU A 276 21.10 12.87 9.14
C LEU A 276 21.80 14.20 9.44
N SER A 277 22.53 14.73 8.45
CA SER A 277 23.21 16.02 8.65
C SER A 277 22.23 17.17 8.84
N PHE A 278 21.17 17.22 8.00
CA PHE A 278 20.18 18.29 8.16
C PHE A 278 19.38 18.14 9.43
N ALA A 279 19.10 16.89 9.83
CA ALA A 279 18.35 16.69 11.06
C ALA A 279 19.16 17.22 12.25
N LEU A 280 20.46 16.92 12.27
CA LEU A 280 21.26 17.47 13.38
C LEU A 280 21.36 18.98 13.31
N TYR A 281 21.49 19.53 12.12
CA TYR A 281 21.47 20.99 11.95
C TYR A 281 20.20 21.59 12.53
N PHE A 282 19.04 21.06 12.14
CA PHE A 282 17.82 21.66 12.66
C PHE A 282 17.69 21.46 14.17
N LEU A 283 18.19 20.36 14.73
CA LEU A 283 18.05 20.19 16.17
C LEU A 283 18.87 21.23 16.92
N VAL A 284 20.11 21.46 16.49
CA VAL A 284 20.94 22.40 17.26
C VAL A 284 20.46 23.83 17.05
N LYS A 285 19.78 24.11 15.94
CA LYS A 285 19.20 25.43 15.72
C LYS A 285 17.88 25.61 16.44
N ASN A 286 17.29 24.53 16.99
CA ASN A 286 15.95 24.59 17.59
C ASN A 286 16.03 23.80 18.89
N PRO A 287 16.63 24.38 19.93
CA PRO A 287 16.93 23.59 21.13
C PRO A 287 15.73 23.04 21.87
N HIS A 288 14.56 23.66 21.77
CA HIS A 288 13.41 23.04 22.40
C HIS A 288 13.06 21.74 21.73
N VAL A 289 13.23 21.68 20.42
CA VAL A 289 12.97 20.44 19.68
C VAL A 289 14.01 19.40 20.03
N LEU A 290 15.30 19.80 20.06
CA LEU A 290 16.35 18.89 20.52
C LEU A 290 16.02 18.32 21.89
N GLN A 291 15.58 19.17 22.83
CA GLN A 291 15.28 18.66 24.17
C GLN A 291 14.17 17.65 24.14
N LYS A 292 13.14 17.89 23.34
CA LYS A 292 12.03 16.92 23.32
C LYS A 292 12.50 15.59 22.71
N ALA A 293 13.30 15.66 21.64
CA ALA A 293 13.80 14.44 21.01
C ALA A 293 14.74 13.70 21.95
N ALA A 294 15.60 14.44 22.68
CA ALA A 294 16.51 13.77 23.63
C ALA A 294 15.74 13.13 24.79
N GLU A 295 14.66 13.76 25.27
CA GLU A 295 13.84 13.17 26.30
C GLU A 295 13.22 11.85 25.82
N GLU A 296 12.80 11.80 24.56
CA GLU A 296 12.27 10.55 24.00
C GLU A 296 13.38 9.50 23.92
N ALA A 297 14.55 9.85 23.45
CA ALA A 297 15.62 8.89 23.39
C ALA A 297 15.96 8.28 24.74
N ALA A 298 16.02 9.12 25.77
CA ALA A 298 16.38 8.63 27.09
C ALA A 298 15.32 7.71 27.64
N ARG A 299 14.08 8.02 27.37
CA ARG A 299 12.98 7.22 27.87
C ARG A 299 12.87 5.87 27.21
N VAL A 300 13.09 5.83 25.91
CA VAL A 300 12.92 4.60 25.15
C VAL A 300 14.15 3.72 25.07
N LEU A 301 15.32 4.32 24.91
CA LEU A 301 16.55 3.55 24.70
C LEU A 301 17.16 3.17 26.04
N VAL A 302 16.51 2.19 26.70
CA VAL A 302 16.87 1.84 28.07
C VAL A 302 17.94 0.78 28.17
N ASP A 303 18.36 0.21 27.05
CA ASP A 303 19.35 -0.86 27.04
C ASP A 303 20.66 -0.36 26.48
N PRO A 304 21.76 -1.09 26.65
CA PRO A 304 23.05 -0.58 26.13
C PRO A 304 23.07 -0.33 24.64
N VAL A 305 22.39 -1.13 23.83
CA VAL A 305 22.20 -0.72 22.43
C VAL A 305 20.71 -0.87 22.07
N PRO A 306 20.22 -0.14 21.09
CA PRO A 306 18.78 -0.17 20.80
C PRO A 306 18.38 -1.49 20.17
N SER A 307 17.17 -1.94 20.51
CA SER A 307 16.55 -3.06 19.82
C SER A 307 15.77 -2.53 18.62
N TYR A 308 15.41 -3.46 17.73
CA TYR A 308 14.57 -3.11 16.59
C TYR A 308 13.27 -2.46 17.05
N LYS A 309 12.57 -3.09 18.03
CA LYS A 309 11.31 -2.54 18.52
C LYS A 309 11.49 -1.14 19.11
N GLN A 310 12.58 -0.91 19.86
CA GLN A 310 12.82 0.41 20.43
C GLN A 310 12.95 1.48 19.36
N VAL A 311 13.61 1.15 18.24
CA VAL A 311 13.72 2.15 17.16
C VAL A 311 12.32 2.49 16.63
N LYS A 312 11.45 1.48 16.53
CA LYS A 312 10.10 1.75 16.05
C LYS A 312 9.33 2.62 17.02
N GLN A 313 9.74 2.65 18.28
CA GLN A 313 9.08 3.41 19.31
C GLN A 313 9.62 4.82 19.42
N LEU A 314 10.65 5.19 18.63
CA LEU A 314 11.16 6.58 18.65
C LEU A 314 10.31 7.44 17.71
N LYS A 315 9.05 7.65 18.12
CA LYS A 315 8.08 8.35 17.26
C LYS A 315 8.49 9.78 16.97
N TYR A 316 8.86 10.52 18.01
CA TYR A 316 9.22 11.93 17.80
C TYR A 316 10.47 12.08 16.97
N VAL A 317 11.46 11.19 17.18
CA VAL A 317 12.64 11.24 16.36
C VAL A 317 12.25 11.04 14.90
N GLY A 318 11.30 10.14 14.67
CA GLY A 318 10.83 9.92 13.31
C GLY A 318 10.18 11.16 12.75
N MET A 319 9.46 11.91 13.60
CA MET A 319 8.86 13.17 13.17
C MET A 319 9.94 14.20 12.86
N VAL A 320 11.00 14.25 13.65
CA VAL A 320 12.14 15.14 13.36
C VAL A 320 12.72 14.85 11.99
N LEU A 321 12.88 13.56 11.64
CA LEU A 321 13.45 13.21 10.36
C LEU A 321 12.52 13.63 9.22
N ASN A 322 11.19 13.41 9.38
CA ASN A 322 10.28 13.85 8.32
C ASN A 322 10.28 15.37 8.16
N GLU A 323 10.42 16.10 9.27
CA GLU A 323 10.42 17.56 9.14
C GLU A 323 11.73 18.05 8.54
N ALA A 324 12.84 17.32 8.75
CA ALA A 324 14.05 17.67 8.02
C ALA A 324 13.90 17.37 6.54
N LEU A 325 13.25 16.24 6.20
CA LEU A 325 12.96 15.92 4.79
C LEU A 325 12.00 16.94 4.20
N ARG A 326 11.12 17.52 5.03
CA ARG A 326 10.23 18.53 4.43
C ARG A 326 11.03 19.75 3.96
N LEU A 327 11.88 20.29 4.81
CA LEU A 327 12.60 21.50 4.41
C LEU A 327 13.73 21.22 3.42
N TRP A 328 14.51 20.14 3.60
CA TRP A 328 15.62 19.85 2.68
C TRP A 328 15.56 18.39 2.24
N PRO A 329 14.63 18.06 1.35
CA PRO A 329 14.57 16.67 0.85
C PRO A 329 15.84 16.38 0.08
N THR A 330 16.56 15.38 0.54
CA THR A 330 17.94 15.24 0.05
C THR A 330 18.06 14.54 -1.32
N ALA A 331 16.97 14.04 -1.88
CA ALA A 331 16.94 13.69 -3.31
C ALA A 331 15.94 14.63 -3.95
N PRO A 332 16.32 15.84 -4.37
CA PRO A 332 15.36 16.94 -4.38
C PRO A 332 14.46 17.05 -5.61
N ALA A 333 14.54 16.16 -6.58
CA ALA A 333 13.64 16.29 -7.71
C ALA A 333 13.41 14.91 -8.33
N PHE A 334 12.30 14.79 -9.05
CA PHE A 334 12.11 13.62 -9.92
C PHE A 334 11.32 14.09 -11.13
N SER A 335 11.38 13.29 -12.18
CA SER A 335 10.85 13.68 -13.47
C SER A 335 9.77 12.69 -13.93
N LEU A 336 8.80 13.20 -14.69
CA LEU A 336 7.66 12.40 -15.15
C LEU A 336 7.40 12.72 -16.61
N TYR A 337 6.72 11.82 -17.33
CA TYR A 337 6.21 12.17 -18.66
C TYR A 337 4.74 11.79 -18.78
N ALA A 338 4.02 12.52 -19.63
CA ALA A 338 2.60 12.22 -19.86
C ALA A 338 2.42 10.96 -20.69
N LYS A 339 1.66 9.98 -20.16
CA LYS A 339 1.38 8.77 -20.92
C LYS A 339 0.43 9.01 -22.10
N GLU A 340 -0.42 10.03 -21.97
CA GLU A 340 -1.37 10.38 -23.00
C GLU A 340 -1.62 11.89 -22.90
N ASP A 341 -2.26 12.46 -23.94
CA ASP A 341 -2.75 13.85 -23.84
C ASP A 341 -3.61 14.02 -22.59
N THR A 342 -3.41 15.12 -21.88
CA THR A 342 -4.13 15.34 -20.63
C THR A 342 -4.05 16.83 -20.30
N VAL A 343 -4.93 17.31 -19.41
CA VAL A 343 -4.90 18.71 -18.97
C VAL A 343 -4.52 18.76 -17.50
N LEU A 344 -3.50 19.57 -17.18
CA LEU A 344 -3.07 19.68 -15.80
C LEU A 344 -3.76 20.86 -15.12
N GLY A 345 -4.38 20.60 -13.97
CA GLY A 345 -4.92 21.73 -13.21
C GLY A 345 -6.04 22.47 -13.89
N GLY A 346 -6.71 21.83 -14.87
CA GLY A 346 -7.76 22.50 -15.57
C GLY A 346 -7.31 23.63 -16.48
N GLU A 347 -6.01 23.86 -16.61
CA GLU A 347 -5.47 25.07 -17.25
C GLU A 347 -4.32 24.83 -18.21
N TYR A 348 -3.55 23.75 -18.07
CA TYR A 348 -2.30 23.56 -18.83
C TYR A 348 -2.41 22.28 -19.63
N PRO A 349 -2.77 22.34 -20.90
CA PRO A 349 -2.87 21.13 -21.73
C PRO A 349 -1.48 20.57 -22.03
N LEU A 350 -1.36 19.26 -21.90
CA LEU A 350 -0.11 18.57 -22.19
C LEU A 350 -0.36 17.54 -23.27
N GLU A 351 0.66 17.31 -24.10
CA GLU A 351 0.53 16.25 -25.09
C GLU A 351 1.26 15.02 -24.57
N LYS A 352 0.84 13.85 -25.07
CA LYS A 352 1.55 12.59 -24.81
C LYS A 352 3.05 12.79 -25.01
N GLY A 353 3.84 12.37 -24.01
CA GLY A 353 5.28 12.49 -24.02
C GLY A 353 5.85 13.74 -23.38
N ASP A 354 5.01 14.75 -23.09
CA ASP A 354 5.52 15.97 -22.46
C ASP A 354 6.09 15.65 -21.08
N GLU A 355 7.20 16.32 -20.73
CA GLU A 355 7.89 16.04 -19.47
CA GLU A 355 7.92 16.06 -19.49
C GLU A 355 7.58 17.10 -18.41
N LEU A 356 7.64 16.68 -17.15
CA LEU A 356 7.47 17.49 -15.94
C LEU A 356 8.62 17.21 -15.00
N MET A 357 9.00 18.22 -14.21
CA MET A 357 9.91 18.02 -13.10
C MET A 357 9.16 18.40 -11.83
N VAL A 358 9.31 17.61 -10.79
CA VAL A 358 8.72 17.91 -9.48
C VAL A 358 9.83 18.49 -8.62
N LEU A 359 9.71 19.78 -8.25
CA LEU A 359 10.76 20.45 -7.46
C LEU A 359 10.41 20.26 -6.00
N ILE A 360 10.92 19.18 -5.38
CA ILE A 360 10.39 18.75 -4.08
C ILE A 360 10.59 19.82 -3.00
N PRO A 361 11.73 20.47 -2.87
CA PRO A 361 11.83 21.44 -1.75
C PRO A 361 10.78 22.57 -1.86
N GLN A 362 10.38 22.94 -3.09
CA GLN A 362 9.40 24.00 -3.25
C GLN A 362 7.99 23.50 -2.97
N LEU A 363 7.66 22.28 -3.41
CA LEU A 363 6.40 21.68 -3.03
C LEU A 363 6.23 21.73 -1.52
N HIS A 364 7.28 21.34 -0.81
CA HIS A 364 7.24 21.31 0.65
C HIS A 364 7.17 22.67 1.30
N ARG A 365 7.23 23.76 0.53
CA ARG A 365 7.05 25.11 1.07
C ARG A 365 5.72 25.73 0.62
N ASP A 366 4.76 24.89 0.18
CA ASP A 366 3.47 25.40 -0.30
C ASP A 366 2.66 25.90 0.89
N LYS A 367 2.50 27.22 1.02
CA LYS A 367 1.80 27.77 2.18
C LYS A 367 0.32 27.42 2.23
N THR A 368 -0.29 27.04 1.09
CA THR A 368 -1.70 26.62 1.13
C THR A 368 -1.84 25.28 1.85
N ILE A 369 -0.75 24.53 1.99
CA ILE A 369 -0.75 23.24 2.69
C ILE A 369 -0.29 23.38 4.13
N TRP A 370 0.85 24.06 4.33
CA TRP A 370 1.55 24.01 5.60
C TRP A 370 1.30 25.23 6.46
N GLY A 371 0.73 26.28 5.88
CA GLY A 371 0.56 27.55 6.60
C GLY A 371 1.71 28.49 6.31
N ASP A 372 1.60 29.69 6.89
CA ASP A 372 2.57 30.71 6.52
C ASP A 372 3.91 30.50 7.18
N ASP A 373 3.98 29.68 8.23
CA ASP A 373 5.26 29.43 8.91
C ASP A 373 6.06 28.34 8.24
N VAL A 374 6.03 28.22 6.90
CA VAL A 374 6.65 27.07 6.25
C VAL A 374 8.15 26.95 6.49
N GLU A 375 8.86 28.05 6.80
CA GLU A 375 10.30 27.96 6.98
C GLU A 375 10.68 27.47 8.36
N GLU A 376 9.73 27.39 9.28
CA GLU A 376 10.03 26.99 10.65
C GLU A 376 10.12 25.47 10.77
N PHE A 377 10.98 25.02 11.69
CA PHE A 377 11.16 23.60 11.96
C PHE A 377 10.23 23.13 13.09
N ARG A 378 9.20 22.35 12.73
CA ARG A 378 8.14 21.93 13.66
C ARG A 378 7.76 20.48 13.38
N PRO A 379 8.41 19.53 14.05
CA PRO A 379 8.12 18.11 13.76
C PRO A 379 6.67 17.72 13.99
N GLU A 380 5.96 18.46 14.83
CA GLU A 380 4.57 18.13 15.12
C GLU A 380 3.67 18.23 13.91
N ARG A 381 4.11 18.85 12.80
CA ARG A 381 3.35 18.74 11.55
C ARG A 381 3.10 17.32 11.12
N PHE A 382 3.90 16.36 11.61
CA PHE A 382 3.82 14.97 11.15
C PHE A 382 3.19 14.04 12.17
N GLU A 383 2.49 14.59 13.13
CA GLU A 383 1.82 13.72 14.11
C GLU A 383 0.84 12.74 13.45
N ASN A 384 0.19 13.15 12.35
CA ASN A 384 -0.87 12.32 11.74
C ASN A 384 -0.83 12.28 10.22
N PRO A 385 -0.49 11.14 9.61
CA PRO A 385 -0.44 11.13 8.13
C PRO A 385 -1.78 11.47 7.48
N SER A 386 -2.91 11.22 8.15
CA SER A 386 -4.18 11.47 7.48
C SER A 386 -4.47 12.96 7.40
N ALA A 387 -3.78 13.78 8.18
CA ALA A 387 -4.00 15.23 8.15
C ALA A 387 -3.16 15.93 7.09
N ILE A 388 -2.31 15.19 6.39
CA ILE A 388 -1.48 15.74 5.32
C ILE A 388 -2.22 15.49 4.00
N PRO A 389 -2.52 16.53 3.21
CA PRO A 389 -3.19 16.30 1.91
C PRO A 389 -2.40 15.39 1.01
N GLN A 390 -3.12 14.78 0.07
CA GLN A 390 -2.47 13.83 -0.83
C GLN A 390 -1.35 14.50 -1.61
N HIS A 391 -0.21 13.80 -1.68
CA HIS A 391 0.96 14.21 -2.51
C HIS A 391 1.54 15.56 -2.07
N ALA A 392 1.31 15.96 -0.82
CA ALA A 392 1.91 17.17 -0.30
C ALA A 392 3.36 16.95 0.15
N PHE A 393 3.75 15.70 0.41
CA PHE A 393 5.04 15.39 1.04
C PHE A 393 5.61 14.22 0.25
N LYS A 394 6.66 14.49 -0.57
CA LYS A 394 7.14 13.49 -1.54
C LYS A 394 8.65 13.30 -1.50
N PRO A 395 9.28 13.18 -0.32
CA PRO A 395 10.74 13.06 -0.31
C PRO A 395 11.24 11.75 -0.87
N PHE A 396 10.37 10.74 -0.99
CA PHE A 396 10.77 9.42 -1.50
C PHE A 396 10.13 9.14 -2.85
N GLY A 397 9.70 10.21 -3.56
CA GLY A 397 9.15 9.96 -4.90
C GLY A 397 7.71 9.50 -4.87
N ASN A 398 7.30 8.82 -5.95
CA ASN A 398 5.89 8.54 -6.16
C ASN A 398 5.62 7.14 -6.69
N GLY A 399 4.56 6.51 -6.13
CA GLY A 399 3.95 5.37 -6.77
C GLY A 399 4.87 4.14 -6.83
N GLN A 400 4.68 3.34 -7.88
CA GLN A 400 5.51 2.12 -7.97
C GLN A 400 6.97 2.43 -8.20
N ARG A 401 7.30 3.66 -8.61
CA ARG A 401 8.68 4.11 -8.76
C ARG A 401 9.18 4.90 -7.55
N ALA A 402 8.52 4.77 -6.40
CA ALA A 402 9.01 5.43 -5.19
C ALA A 402 10.26 4.69 -4.69
N CYS A 403 10.91 5.34 -3.72
CA CYS A 403 12.15 4.79 -3.15
C CYS A 403 11.94 3.41 -2.54
N ILE A 404 12.65 2.41 -3.04
CA ILE A 404 12.53 1.04 -2.47
C ILE A 404 13.23 1.00 -1.11
N GLY A 405 14.12 1.97 -0.88
CA GLY A 405 14.93 1.96 0.34
C GLY A 405 14.38 2.83 1.44
N GLN A 406 13.13 3.31 1.32
CA GLN A 406 12.66 4.34 2.26
C GLN A 406 12.73 3.81 3.68
N GLN A 407 12.21 2.59 3.88
CA GLN A 407 12.21 2.08 5.28
C GLN A 407 13.61 1.78 5.76
N PHE A 408 14.50 1.33 4.90
CA PHE A 408 15.88 1.14 5.34
C PHE A 408 16.46 2.48 5.82
N ALA A 409 16.28 3.52 5.02
CA ALA A 409 16.83 4.84 5.34
C ALA A 409 16.30 5.36 6.66
N LEU A 410 14.98 5.25 6.88
CA LEU A 410 14.41 5.84 8.07
C LEU A 410 14.73 5.00 9.30
N HIS A 411 14.83 3.67 9.16
CA HIS A 411 15.24 2.87 10.31
C HIS A 411 16.66 3.21 10.71
N GLU A 412 17.56 3.23 9.73
CA GLU A 412 18.96 3.60 10.02
C GLU A 412 19.03 4.99 10.65
N ALA A 413 18.35 5.96 10.06
CA ALA A 413 18.49 7.34 10.56
C ALA A 413 17.88 7.50 11.94
N THR A 414 16.76 6.80 12.20
CA THR A 414 16.16 6.91 13.53
C THR A 414 17.05 6.24 14.57
N LEU A 415 17.57 5.05 14.26
CA LEU A 415 18.51 4.38 15.18
C LEU A 415 19.68 5.31 15.52
N VAL A 416 20.32 5.90 14.51
CA VAL A 416 21.54 6.67 14.72
C VAL A 416 21.24 7.96 15.46
N LEU A 417 20.19 8.68 15.04
CA LEU A 417 19.87 9.94 15.73
C LEU A 417 19.43 9.67 17.16
N GLY A 418 18.69 8.58 17.38
CA GLY A 418 18.35 8.23 18.75
C GLY A 418 19.57 7.96 19.60
N MET A 419 20.55 7.21 19.08
CA MET A 419 21.74 6.95 19.89
C MET A 419 22.53 8.24 20.12
N MET A 420 22.61 9.11 19.09
CA MET A 420 23.30 10.40 19.25
C MET A 420 22.66 11.21 20.36
N LEU A 421 21.31 11.26 20.36
CA LEU A 421 20.61 12.08 21.36
C LEU A 421 20.69 11.48 22.76
N LYS A 422 20.81 10.16 22.84
CA LYS A 422 20.97 9.51 24.15
C LYS A 422 22.33 9.80 24.75
N HIS A 423 23.38 9.82 23.92
CA HIS A 423 24.75 9.75 24.44
C HIS A 423 25.46 11.09 24.53
N PHE A 424 24.98 12.13 23.87
CA PHE A 424 25.70 13.41 23.87
C PHE A 424 24.75 14.58 23.97
N ASP A 425 25.25 15.67 24.57
CA ASP A 425 24.70 16.99 24.37
C ASP A 425 25.46 17.67 23.25
N PHE A 426 24.78 18.48 22.47
CA PHE A 426 25.41 19.07 21.28
C PHE A 426 25.47 20.60 21.38
N GLU A 427 26.56 21.16 20.86
CA GLU A 427 26.75 22.60 20.81
C GLU A 427 27.00 23.05 19.38
N ASP A 428 26.28 24.10 18.96
CA ASP A 428 26.55 24.80 17.69
C ASP A 428 27.60 25.87 17.98
N HIS A 429 28.85 25.43 18.15
CA HIS A 429 29.88 26.29 18.71
C HIS A 429 30.36 27.38 17.75
N THR A 430 30.16 27.24 16.45
CA THR A 430 30.52 28.28 15.49
C THR A 430 29.34 29.15 15.05
N ASN A 431 28.13 28.91 15.56
CA ASN A 431 26.93 29.55 15.03
C ASN A 431 26.85 29.40 13.50
N TYR A 432 26.79 28.13 13.10
CA TYR A 432 27.01 27.76 11.72
C TYR A 432 25.98 28.40 10.80
N GLU A 433 26.46 28.98 9.69
CA GLU A 433 25.57 29.53 8.66
C GLU A 433 25.33 28.49 7.58
N LEU A 434 24.07 28.14 7.38
CA LEU A 434 23.76 27.05 6.47
C LEU A 434 24.26 27.34 5.06
N ASP A 435 25.00 26.39 4.48
CA ASP A 435 25.57 26.49 3.13
C ASP A 435 25.34 25.13 2.51
N ILE A 436 24.46 25.06 1.52
CA ILE A 436 23.99 23.76 1.02
C ILE A 436 24.73 23.44 -0.26
N LYS A 437 25.55 22.38 -0.17
CA LYS A 437 26.30 21.86 -1.31
C LYS A 437 25.44 20.87 -2.08
N GLU A 438 25.50 20.94 -3.42
CA GLU A 438 24.63 20.12 -4.26
C GLU A 438 25.49 19.16 -5.05
N THR A 439 25.22 17.87 -4.92
CA THR A 439 25.88 16.82 -5.70
C THR A 439 24.78 15.96 -6.34
N LEU A 440 24.83 14.64 -6.14
CA LEU A 440 23.61 13.87 -6.38
C LEU A 440 22.56 14.23 -5.35
N THR A 441 22.99 14.69 -4.19
CA THR A 441 22.08 14.97 -3.10
C THR A 441 22.39 16.37 -2.56
N LEU A 442 21.76 16.75 -1.45
CA LEU A 442 22.02 18.03 -0.75
C LEU A 442 22.63 17.77 0.61
N LYS A 443 23.59 18.60 1.05
CA LYS A 443 24.24 18.43 2.34
C LYS A 443 24.61 19.81 2.86
N PRO A 444 24.60 20.01 4.16
CA PRO A 444 25.09 21.27 4.74
C PRO A 444 26.60 21.31 4.88
N GLU A 445 27.23 21.91 3.89
CA GLU A 445 28.67 21.90 3.81
C GLU A 445 29.32 22.66 4.96
N GLY A 446 30.33 22.06 5.57
CA GLY A 446 31.08 22.71 6.65
C GLY A 446 30.38 22.71 7.99
N PHE A 447 29.27 21.98 8.12
CA PHE A 447 28.53 21.96 9.36
C PHE A 447 29.37 21.23 10.40
N VAL A 448 29.63 21.91 11.53
CA VAL A 448 30.45 21.34 12.59
C VAL A 448 29.74 21.58 13.90
N VAL A 449 29.91 20.66 14.86
CA VAL A 449 29.37 20.81 16.20
C VAL A 449 30.40 20.30 17.21
N LYS A 450 30.15 20.57 18.48
CA LYS A 450 30.87 19.92 19.57
C LYS A 450 29.89 19.03 20.31
N ALA A 451 30.34 17.84 20.70
CA ALA A 451 29.45 16.86 21.36
C ALA A 451 30.03 16.51 22.71
N LYS A 452 29.33 16.88 23.78
CA LYS A 452 29.78 16.58 25.12
C LYS A 452 29.13 15.30 25.60
N SER A 453 29.95 14.29 25.97
CA SER A 453 29.40 13.01 26.37
C SER A 453 28.58 13.10 27.64
N LYS A 454 27.40 12.47 27.63
CA LYS A 454 26.67 12.20 28.86
C LYS A 454 27.25 11.02 29.63
N LYS A 455 28.32 10.38 29.13
CA LYS A 455 29.04 9.32 29.85
C LYS A 455 28.16 8.13 30.17
N ILE A 456 27.35 7.70 29.21
CA ILE A 456 26.48 6.55 29.36
C ILE A 456 27.11 5.38 28.61
N PRO A 457 27.42 4.27 29.27
CA PRO A 457 28.16 3.21 28.58
C PRO A 457 27.32 2.49 27.55
N LEU A 458 28.04 1.88 26.61
CA LEU A 458 27.50 1.06 25.52
C LEU A 458 27.56 -0.43 25.81
N LEU A 459 28.10 -0.83 26.96
CA LEU A 459 28.10 -2.24 27.34
C LEU A 459 27.25 -2.46 28.59
N LYS B 6 5.20 -28.62 19.14
CA LYS B 6 4.37 -27.72 19.93
C LYS B 6 2.90 -28.19 20.03
N GLU B 7 2.35 -28.15 21.25
CA GLU B 7 0.95 -28.46 21.50
C GLU B 7 0.12 -27.16 21.47
N MET B 8 -1.01 -27.22 20.82
CA MET B 8 -1.59 -25.90 20.66
C MET B 8 -2.66 -25.63 21.70
N PRO B 9 -2.90 -24.36 22.01
CA PRO B 9 -3.92 -24.04 23.01
C PRO B 9 -5.31 -24.29 22.49
N GLN B 10 -6.27 -24.28 23.42
CA GLN B 10 -7.64 -24.58 23.07
C GLN B 10 -8.48 -23.80 24.05
N PRO B 11 -9.56 -23.16 23.62
CA PRO B 11 -10.41 -22.39 24.54
C PRO B 11 -11.29 -23.33 25.37
N LYS B 12 -12.06 -22.71 26.28
CA LYS B 12 -12.81 -23.46 27.29
C LYS B 12 -13.86 -24.36 26.66
N THR B 13 -14.14 -25.44 27.37
CA THR B 13 -14.99 -26.52 26.92
C THR B 13 -16.22 -26.63 27.79
N PHE B 14 -17.18 -27.36 27.23
CA PHE B 14 -18.47 -27.55 27.84
C PHE B 14 -18.82 -29.05 27.78
N GLY B 15 -17.99 -29.86 28.39
CA GLY B 15 -18.24 -31.27 28.43
C GLY B 15 -18.26 -31.89 27.08
N GLU B 16 -19.26 -32.71 26.83
CA GLU B 16 -19.34 -33.42 25.56
C GLU B 16 -19.59 -32.54 24.37
N LEU B 17 -20.02 -31.33 24.62
CA LEU B 17 -20.19 -30.39 23.53
C LEU B 17 -18.86 -29.71 23.18
N LYS B 18 -17.79 -30.02 23.93
CA LYS B 18 -16.44 -29.47 23.60
C LYS B 18 -16.52 -27.95 23.47
N ASN B 19 -16.06 -27.37 22.37
CA ASN B 19 -16.05 -25.92 22.25
C ASN B 19 -17.28 -25.36 21.55
N LEU B 20 -18.17 -26.22 21.06
CA LEU B 20 -19.26 -25.74 20.21
C LEU B 20 -20.12 -24.66 20.86
N PRO B 21 -20.43 -24.68 22.16
CA PRO B 21 -21.25 -23.59 22.72
C PRO B 21 -20.61 -22.21 22.62
N LEU B 22 -19.29 -22.10 22.44
CA LEU B 22 -18.68 -20.78 22.25
C LEU B 22 -19.22 -20.10 21.02
N LEU B 23 -19.76 -20.85 20.06
CA LEU B 23 -20.31 -20.22 18.87
C LEU B 23 -21.82 -20.04 18.96
N ASN B 24 -22.43 -20.36 20.10
CA ASN B 24 -23.86 -20.17 20.36
C ASN B 24 -24.07 -18.76 20.89
N THR B 25 -23.87 -17.82 19.97
CA THR B 25 -23.84 -16.40 20.30
C THR B 25 -24.24 -15.62 19.06
N ASP B 26 -24.72 -14.39 19.28
CA ASP B 26 -25.09 -13.54 18.16
C ASP B 26 -23.88 -13.12 17.34
N LYS B 27 -22.70 -13.11 17.95
CA LYS B 27 -21.50 -12.56 17.35
C LYS B 27 -20.33 -13.56 17.40
N PRO B 28 -20.41 -14.64 16.62
CA PRO B 28 -19.38 -15.68 16.73
C PRO B 28 -18.02 -15.25 16.21
N VAL B 29 -17.92 -14.47 15.11
CA VAL B 29 -16.60 -14.07 14.62
C VAL B 29 -15.92 -13.18 15.67
N GLN B 30 -16.66 -12.30 16.26
CA GLN B 30 -16.08 -11.44 17.30
C GLN B 30 -15.69 -12.28 18.53
N ALA B 31 -16.44 -13.34 18.85
CA ALA B 31 -16.01 -14.25 19.92
C ALA B 31 -14.69 -14.93 19.57
N LEU B 32 -14.57 -15.38 18.31
CA LEU B 32 -13.34 -16.07 17.88
C LEU B 32 -12.18 -15.09 17.86
N MET B 33 -12.44 -13.82 17.53
CA MET B 33 -11.36 -12.84 17.56
C MET B 33 -10.81 -12.68 18.98
N LYS B 34 -11.71 -12.64 19.97
CA LYS B 34 -11.27 -12.45 21.34
C LYS B 34 -10.51 -13.68 21.85
N ILE B 35 -10.90 -14.88 21.41
CA ILE B 35 -10.16 -16.10 21.75
C ILE B 35 -8.77 -16.04 21.16
N ALA B 36 -8.66 -15.64 19.88
CA ALA B 36 -7.34 -15.48 19.27
C ALA B 36 -6.51 -14.44 20.00
N ASP B 37 -7.13 -13.36 20.45
CA ASP B 37 -6.36 -12.37 21.20
C ASP B 37 -5.75 -12.99 22.45
N GLU B 38 -6.50 -13.89 23.11
CA GLU B 38 -6.06 -14.51 24.34
C GLU B 38 -5.05 -15.65 24.09
N LEU B 39 -5.29 -16.47 23.06
CA LEU B 39 -4.54 -17.71 22.81
C LEU B 39 -3.43 -17.58 21.77
N GLY B 40 -3.49 -16.60 20.87
CA GLY B 40 -2.41 -16.39 19.95
C GLY B 40 -2.68 -16.91 18.55
N GLU B 41 -1.57 -17.18 17.85
CA GLU B 41 -1.67 -17.36 16.41
C GLU B 41 -2.37 -18.62 15.97
N ILE B 42 -2.52 -19.61 16.84
CA ILE B 42 -3.25 -20.82 16.44
C ILE B 42 -3.95 -21.41 17.66
N PHE B 43 -5.20 -21.86 17.49
CA PHE B 43 -5.83 -22.61 18.57
C PHE B 43 -6.72 -23.69 17.97
N LYS B 44 -6.81 -24.80 18.70
CA LYS B 44 -7.65 -25.93 18.36
C LYS B 44 -9.07 -25.64 18.78
N PHE B 45 -10.02 -26.03 17.94
CA PHE B 45 -11.45 -25.82 18.20
C PHE B 45 -12.15 -27.14 17.87
N GLU B 46 -12.83 -27.72 18.85
CA GLU B 46 -13.45 -29.04 18.70
C GLU B 46 -14.95 -28.90 18.88
N ALA B 47 -15.71 -29.66 18.12
CA ALA B 47 -17.14 -29.81 18.30
C ALA B 47 -17.41 -31.30 18.20
N PRO B 48 -18.59 -31.78 18.63
CA PRO B 48 -18.87 -33.22 18.46
C PRO B 48 -18.66 -33.64 17.00
N GLY B 49 -17.77 -34.61 16.79
CA GLY B 49 -17.50 -35.05 15.43
C GLY B 49 -16.69 -34.14 14.56
N ARG B 50 -16.05 -33.10 15.10
CA ARG B 50 -15.30 -32.19 14.23
C ARG B 50 -14.15 -31.53 14.99
N VAL B 51 -13.02 -31.36 14.29
CA VAL B 51 -11.87 -30.60 14.79
C VAL B 51 -11.40 -29.62 13.72
N THR B 52 -11.05 -28.41 14.11
CA THR B 52 -10.37 -27.50 13.20
C THR B 52 -9.37 -26.67 14.01
N ARG B 53 -8.56 -25.89 13.31
CA ARG B 53 -7.55 -25.03 13.93
C ARG B 53 -7.67 -23.65 13.33
N TYR B 54 -7.89 -22.66 14.18
CA TYR B 54 -8.04 -21.27 13.75
C TYR B 54 -6.67 -20.59 13.71
N LEU B 55 -6.36 -20.01 12.56
CA LEU B 55 -5.07 -19.33 12.33
C LEU B 55 -5.27 -17.82 12.31
N SER B 56 -4.33 -17.10 12.91
CA SER B 56 -4.41 -15.65 13.00
C SER B 56 -3.14 -14.91 12.63
N SER B 57 -2.00 -15.60 12.41
CA SER B 57 -0.77 -14.85 12.13
C SER B 57 -0.45 -14.96 10.67
N GLN B 58 0.16 -13.91 10.14
CA GLN B 58 0.59 -13.99 8.75
C GLN B 58 1.63 -15.12 8.56
N ARG B 59 2.46 -15.35 9.57
CA ARG B 59 3.48 -16.43 9.49
C ARG B 59 2.86 -17.79 9.19
N LEU B 60 1.76 -18.14 9.85
CA LEU B 60 1.12 -19.43 9.53
C LEU B 60 0.18 -19.33 8.33
N ILE B 61 -0.52 -18.20 8.16
CA ILE B 61 -1.50 -18.12 7.09
C ILE B 61 -0.78 -18.15 5.76
N LYS B 62 0.43 -17.58 5.68
CA LYS B 62 1.14 -17.64 4.41
C LYS B 62 1.43 -19.10 4.02
N GLU B 63 1.63 -20.00 4.99
CA GLU B 63 1.82 -21.41 4.66
C GLU B 63 0.52 -22.08 4.29
N ALA B 64 -0.54 -21.76 5.01
CA ALA B 64 -1.85 -22.30 4.64
C ALA B 64 -2.27 -21.89 3.23
N CYS B 65 -1.79 -20.76 2.74
CA CYS B 65 -2.17 -20.24 1.44
C CYS B 65 -1.35 -20.83 0.31
N ASP B 66 -0.43 -21.77 0.63
CA ASP B 66 0.29 -22.54 -0.36
C ASP B 66 -0.64 -23.59 -0.98
N GLU B 67 -1.07 -23.35 -2.23
CA GLU B 67 -2.05 -24.23 -2.86
C GLU B 67 -1.49 -25.61 -3.17
N SER B 68 -0.16 -25.80 -3.15
CA SER B 68 0.37 -27.14 -3.31
C SER B 68 0.21 -27.97 -2.05
N ARG B 69 -0.05 -27.35 -0.91
CA ARG B 69 -0.17 -28.04 0.37
C ARG B 69 -1.60 -28.05 0.91
N PHE B 70 -2.39 -27.04 0.60
CA PHE B 70 -3.73 -26.88 1.16
C PHE B 70 -4.74 -26.46 0.08
N ASP B 71 -5.98 -26.98 0.17
CA ASP B 71 -7.05 -26.64 -0.77
C ASP B 71 -8.23 -26.10 0.01
N LYS B 72 -9.17 -25.45 -0.68
CA LYS B 72 -10.36 -24.96 0.00
C LYS B 72 -11.21 -26.08 0.60
N ASN B 73 -11.63 -25.84 1.83
CA ASN B 73 -12.54 -26.75 2.52
C ASN B 73 -13.88 -26.06 2.63
N LEU B 74 -14.95 -26.83 2.59
CA LEU B 74 -16.28 -26.29 2.92
C LEU B 74 -16.43 -26.28 4.43
N SER B 75 -16.45 -25.08 5.03
CA SER B 75 -16.81 -24.96 6.45
C SER B 75 -18.24 -25.47 6.66
N GLN B 76 -18.60 -25.67 7.93
CA GLN B 76 -19.96 -26.12 8.16
C GLN B 76 -20.99 -25.09 7.66
N ALA B 77 -20.68 -23.78 7.76
CA ALA B 77 -21.57 -22.78 7.20
C ALA B 77 -21.78 -22.99 5.70
N LEU B 78 -20.71 -23.19 4.94
CA LEU B 78 -20.87 -23.40 3.50
C LEU B 78 -21.58 -24.73 3.20
N LYS B 79 -21.35 -25.77 3.98
CA LYS B 79 -22.02 -27.05 3.73
C LYS B 79 -23.53 -26.90 3.87
N PHE B 80 -23.97 -26.17 4.88
CA PHE B 80 -25.41 -26.01 5.04
C PHE B 80 -25.97 -25.07 3.97
N ILE B 81 -25.20 -24.08 3.56
CA ILE B 81 -25.65 -23.16 2.50
C ILE B 81 -25.73 -23.90 1.16
N ARG B 82 -24.89 -24.91 0.97
CA ARG B 82 -24.97 -25.73 -0.24
C ARG B 82 -26.35 -26.39 -0.38
N ASP B 83 -27.14 -26.48 0.68
CA ASP B 83 -28.46 -27.06 0.48
C ASP B 83 -29.32 -26.21 -0.46
N PHE B 84 -29.01 -24.91 -0.65
CA PHE B 84 -29.68 -24.16 -1.70
C PHE B 84 -28.75 -23.52 -2.72
N ALA B 85 -27.43 -23.41 -2.45
CA ALA B 85 -26.51 -22.88 -3.46
C ALA B 85 -25.83 -23.99 -4.26
N GLY B 86 -26.05 -25.25 -3.89
CA GLY B 86 -25.68 -26.42 -4.68
C GLY B 86 -24.20 -26.44 -4.96
N ASP B 87 -23.86 -26.86 -6.19
CA ASP B 87 -22.48 -26.81 -6.64
C ASP B 87 -22.22 -25.54 -7.46
N GLY B 88 -22.80 -24.42 -7.01
CA GLY B 88 -22.34 -23.10 -7.44
C GLY B 88 -20.89 -22.87 -7.07
N LEU B 89 -20.31 -21.76 -7.58
CA LEU B 89 -18.86 -21.60 -7.46
C LEU B 89 -18.39 -21.57 -6.02
N ALA B 90 -19.18 -20.96 -5.14
CA ALA B 90 -18.70 -20.73 -3.78
C ALA B 90 -18.83 -21.94 -2.87
N THR B 91 -19.72 -22.88 -3.22
CA THR B 91 -20.00 -24.04 -2.37
C THR B 91 -19.64 -25.35 -3.05
N SER B 92 -18.82 -25.30 -4.13
CA SER B 92 -18.25 -26.44 -4.84
C SER B 92 -16.86 -26.75 -4.28
N TRP B 93 -16.52 -28.04 -4.29
CA TRP B 93 -15.14 -28.43 -4.01
C TRP B 93 -14.32 -28.25 -5.29
N THR B 94 -13.01 -28.00 -5.08
CA THR B 94 -12.15 -27.70 -6.23
C THR B 94 -12.11 -28.88 -7.19
N HIS B 95 -12.27 -30.10 -6.67
CA HIS B 95 -12.15 -31.29 -7.50
C HIS B 95 -13.47 -31.70 -8.16
N GLU B 96 -14.58 -30.99 -7.87
CA GLU B 96 -15.84 -31.31 -8.55
C GLU B 96 -15.80 -30.73 -9.95
N LYS B 97 -16.19 -31.53 -10.93
CA LYS B 97 -16.16 -31.06 -12.32
C LYS B 97 -16.80 -29.67 -12.49
N ASN B 98 -17.92 -29.40 -11.81
CA ASN B 98 -18.58 -28.13 -12.08
C ASN B 98 -17.82 -26.92 -11.53
N TRP B 99 -16.88 -27.11 -10.61
CA TRP B 99 -16.14 -25.92 -10.13
C TRP B 99 -15.30 -25.35 -11.27
N LYS B 100 -14.35 -26.14 -11.80
CA LYS B 100 -13.44 -25.54 -12.80
C LYS B 100 -14.22 -25.15 -14.06
N LYS B 101 -15.23 -25.94 -14.43
CA LYS B 101 -16.03 -25.62 -15.59
C LYS B 101 -16.70 -24.26 -15.47
N ALA B 102 -17.36 -23.99 -14.33
CA ALA B 102 -18.01 -22.70 -14.14
C ALA B 102 -16.97 -21.59 -13.97
N HIS B 103 -15.85 -21.89 -13.31
CA HIS B 103 -14.80 -20.90 -13.15
C HIS B 103 -14.27 -20.44 -14.50
N ASN B 104 -14.06 -21.38 -15.42
CA ASN B 104 -13.56 -20.99 -16.73
C ASN B 104 -14.62 -20.21 -17.52
N ILE B 105 -15.87 -20.60 -17.40
CA ILE B 105 -16.92 -19.90 -18.17
C ILE B 105 -17.15 -18.50 -17.62
N LEU B 106 -17.07 -18.34 -16.30
CA LEU B 106 -17.45 -17.05 -15.70
C LEU B 106 -16.30 -16.09 -15.46
N LEU B 107 -15.04 -16.54 -15.45
CA LEU B 107 -13.93 -15.59 -15.26
C LEU B 107 -13.96 -14.44 -16.27
N PRO B 108 -14.24 -14.65 -17.56
CA PRO B 108 -14.32 -13.49 -18.49
C PRO B 108 -15.47 -12.52 -18.23
N SER B 109 -16.50 -12.87 -17.45
CA SER B 109 -17.53 -11.98 -17.02
C SER B 109 -17.05 -11.04 -15.96
N PHE B 110 -15.81 -11.20 -15.55
CA PHE B 110 -15.25 -10.28 -14.54
C PHE B 110 -14.00 -9.62 -15.12
N SER B 111 -13.90 -9.57 -16.45
CA SER B 111 -12.73 -8.92 -17.09
C SER B 111 -12.96 -7.41 -17.17
N GLN B 112 -11.91 -6.68 -17.52
CA GLN B 112 -11.99 -5.22 -17.71
C GLN B 112 -13.11 -4.92 -18.71
N GLN B 113 -13.13 -5.60 -19.84
CA GLN B 113 -14.18 -5.33 -20.84
C GLN B 113 -15.55 -5.53 -20.18
N ALA B 114 -15.71 -6.62 -19.41
CA ALA B 114 -16.94 -6.82 -18.67
C ALA B 114 -17.27 -5.66 -17.72
N MET B 115 -16.28 -5.20 -16.93
CA MET B 115 -16.52 -4.13 -15.97
C MET B 115 -16.92 -2.83 -16.64
N LYS B 116 -16.28 -2.52 -17.76
CA LYS B 116 -16.71 -1.38 -18.57
C LYS B 116 -18.14 -1.53 -18.99
N GLY B 117 -18.57 -2.78 -19.24
CA GLY B 117 -19.93 -3.01 -19.66
C GLY B 117 -20.97 -2.92 -18.57
N TYR B 118 -20.60 -3.28 -17.32
CA TYR B 118 -21.47 -3.18 -16.16
C TYR B 118 -21.57 -1.75 -15.64
N HIS B 119 -20.64 -0.89 -16.02
CA HIS B 119 -20.54 0.40 -15.34
C HIS B 119 -21.84 1.21 -15.46
N ALA B 120 -22.44 1.26 -16.65
CA ALA B 120 -23.63 2.09 -16.84
C ALA B 120 -24.77 1.68 -15.92
N MET B 121 -24.94 0.38 -15.72
CA MET B 121 -26.00 -0.06 -14.80
C MET B 121 -25.64 0.15 -13.34
N MET B 122 -24.35 0.08 -12.96
CA MET B 122 -23.96 0.49 -11.60
C MET B 122 -24.31 1.95 -11.36
N VAL B 123 -24.09 2.80 -12.37
CA VAL B 123 -24.44 4.22 -12.25
C VAL B 123 -25.92 4.42 -12.09
N ASP B 124 -26.74 3.65 -12.83
CA ASP B 124 -28.21 3.73 -12.67
C ASP B 124 -28.62 3.59 -11.20
N ILE B 125 -28.12 2.55 -10.52
CA ILE B 125 -28.51 2.34 -9.13
C ILE B 125 -27.88 3.39 -8.23
N ALA B 126 -26.61 3.74 -8.46
CA ALA B 126 -25.98 4.79 -7.63
C ALA B 126 -26.70 6.13 -7.73
N VAL B 127 -27.17 6.48 -8.92
CA VAL B 127 -27.96 7.72 -9.04
C VAL B 127 -29.25 7.62 -8.23
N GLN B 128 -29.91 6.43 -8.21
CA GLN B 128 -31.11 6.27 -7.36
C GLN B 128 -30.79 6.52 -5.89
N LEU B 129 -29.63 6.04 -5.42
CA LEU B 129 -29.24 6.27 -4.03
C LEU B 129 -29.00 7.77 -3.78
N VAL B 130 -28.26 8.42 -4.68
CA VAL B 130 -28.02 9.86 -4.47
C VAL B 130 -29.35 10.64 -4.50
N GLN B 131 -30.25 10.31 -5.42
CA GLN B 131 -31.54 11.02 -5.48
C GLN B 131 -32.34 10.80 -4.21
N LYS B 132 -32.31 9.56 -3.66
CA LYS B 132 -33.04 9.36 -2.41
C LYS B 132 -32.57 10.33 -1.32
N TRP B 133 -31.27 10.43 -1.14
CA TRP B 133 -30.73 11.24 -0.08
C TRP B 133 -30.92 12.73 -0.37
N GLU B 134 -30.91 13.14 -1.66
CA GLU B 134 -31.16 14.55 -1.98
C GLU B 134 -32.59 14.94 -1.62
N ARG B 135 -33.49 13.98 -1.56
CA ARG B 135 -34.91 14.21 -1.40
C ARG B 135 -35.35 14.09 0.05
N LEU B 136 -34.42 13.82 0.96
CA LEU B 136 -34.80 13.80 2.38
C LEU B 136 -35.07 15.21 2.87
N ASN B 137 -35.98 15.32 3.85
CA ASN B 137 -36.31 16.59 4.46
C ASN B 137 -35.27 16.99 5.52
N ALA B 138 -35.36 18.28 5.92
CA ALA B 138 -34.49 18.78 7.00
C ALA B 138 -34.49 17.86 8.20
N ASP B 139 -33.29 17.53 8.65
CA ASP B 139 -33.04 16.76 9.85
C ASP B 139 -33.60 15.34 9.81
N GLU B 140 -34.01 14.84 8.64
CA GLU B 140 -34.16 13.38 8.49
C GLU B 140 -32.79 12.75 8.42
N HIS B 141 -32.73 11.47 8.73
CA HIS B 141 -31.44 10.80 8.71
C HIS B 141 -31.47 9.62 7.74
N ILE B 142 -30.28 9.04 7.54
CA ILE B 142 -30.08 7.89 6.64
C ILE B 142 -29.82 6.65 7.47
N GLU B 143 -30.47 5.54 7.11
CA GLU B 143 -30.18 4.27 7.76
C GLU B 143 -29.16 3.59 6.88
N VAL B 144 -27.90 3.57 7.31
CA VAL B 144 -26.83 3.33 6.34
C VAL B 144 -26.77 1.89 5.83
N PRO B 145 -26.67 0.86 6.67
CA PRO B 145 -26.62 -0.49 6.10
C PRO B 145 -27.86 -0.84 5.31
N GLU B 146 -29.03 -0.32 5.71
CA GLU B 146 -30.25 -0.58 4.95
C GLU B 146 -30.15 -0.01 3.52
N ASP B 147 -29.71 1.25 3.38
CA ASP B 147 -29.61 1.81 2.04
C ASP B 147 -28.46 1.19 1.26
N MET B 148 -27.36 0.80 1.95
CA MET B 148 -26.27 0.18 1.19
C MET B 148 -26.71 -1.18 0.65
N THR B 149 -27.52 -1.91 1.42
CA THR B 149 -28.03 -3.20 0.95
C THR B 149 -29.02 -3.03 -0.18
N ARG B 150 -29.87 -2.00 -0.10
CA ARG B 150 -30.73 -1.66 -1.23
C ARG B 150 -29.91 -1.49 -2.51
N LEU B 151 -28.83 -0.77 -2.40
CA LEU B 151 -28.02 -0.51 -3.55
C LEU B 151 -27.32 -1.76 -4.06
N THR B 152 -26.68 -2.48 -3.15
CA THR B 152 -25.89 -3.60 -3.68
C THR B 152 -26.77 -4.70 -4.23
N LEU B 153 -27.92 -4.97 -3.62
CA LEU B 153 -28.87 -5.93 -4.20
C LEU B 153 -29.32 -5.47 -5.59
N ASP B 154 -29.71 -4.19 -5.70
CA ASP B 154 -30.22 -3.76 -7.00
C ASP B 154 -29.13 -3.78 -8.06
N THR B 155 -27.91 -3.49 -7.67
CA THR B 155 -26.81 -3.50 -8.64
C THR B 155 -26.54 -4.90 -9.16
N ILE B 156 -26.43 -5.90 -8.27
CA ILE B 156 -26.16 -7.24 -8.80
C ILE B 156 -27.37 -7.78 -9.58
N GLY B 157 -28.61 -7.42 -9.18
CA GLY B 157 -29.74 -7.87 -9.97
C GLY B 157 -29.73 -7.31 -11.38
N LEU B 158 -29.40 -6.03 -11.52
CA LEU B 158 -29.44 -5.39 -12.82
C LEU B 158 -28.22 -5.68 -13.68
N CYS B 159 -27.04 -5.49 -13.13
CA CYS B 159 -25.82 -5.65 -13.89
C CYS B 159 -25.69 -7.07 -14.35
N GLY B 160 -26.03 -7.99 -13.48
CA GLY B 160 -25.82 -9.33 -13.86
C GLY B 160 -26.97 -10.04 -14.54
N PHE B 161 -28.22 -9.65 -14.27
CA PHE B 161 -29.33 -10.46 -14.75
C PHE B 161 -30.45 -9.62 -15.38
N ASN B 162 -30.23 -8.31 -15.52
CA ASN B 162 -31.22 -7.40 -16.05
C ASN B 162 -32.56 -7.56 -15.31
N TYR B 163 -32.50 -7.75 -14.01
CA TYR B 163 -33.70 -7.77 -13.19
C TYR B 163 -33.69 -6.60 -12.21
N ARG B 164 -34.80 -5.88 -12.09
CA ARG B 164 -34.85 -4.77 -11.16
C ARG B 164 -35.57 -5.17 -9.86
N PHE B 165 -34.79 -5.22 -8.74
CA PHE B 165 -35.46 -5.47 -7.46
C PHE B 165 -36.23 -4.23 -6.98
N ASN B 166 -35.89 -3.05 -7.52
CA ASN B 166 -36.59 -1.81 -7.18
C ASN B 166 -36.62 -1.57 -5.66
N SER B 167 -35.45 -1.79 -5.03
CA SER B 167 -35.40 -1.69 -3.58
C SER B 167 -35.62 -0.29 -3.07
N PHE B 168 -35.31 0.74 -3.88
CA PHE B 168 -35.56 2.09 -3.42
C PHE B 168 -37.03 2.48 -3.53
N TYR B 169 -37.87 1.58 -4.04
CA TYR B 169 -39.31 1.81 -4.06
C TYR B 169 -40.03 1.13 -2.91
N ARG B 170 -39.30 0.51 -1.98
CA ARG B 170 -39.84 -0.33 -0.92
C ARG B 170 -39.35 0.10 0.45
N ASP B 171 -40.22 0.04 1.46
CA ASP B 171 -39.73 0.08 2.82
C ASP B 171 -39.24 -1.31 3.19
N GLN B 172 -40.12 -2.27 3.05
CA GLN B 172 -39.81 -3.65 3.34
C GLN B 172 -38.86 -4.20 2.28
N PRO B 173 -37.89 -5.03 2.68
CA PRO B 173 -37.02 -5.65 1.68
C PRO B 173 -37.84 -6.42 0.66
N HIS B 174 -37.24 -6.61 -0.52
CA HIS B 174 -37.85 -7.45 -1.55
C HIS B 174 -38.12 -8.86 -1.00
N PRO B 175 -39.23 -9.50 -1.39
CA PRO B 175 -39.53 -10.86 -0.85
C PRO B 175 -38.39 -11.86 -0.97
N PHE B 176 -37.59 -11.75 -2.03
CA PHE B 176 -36.42 -12.61 -2.23
C PHE B 176 -35.42 -12.47 -1.08
N ILE B 177 -35.14 -11.24 -0.65
CA ILE B 177 -34.23 -10.98 0.45
C ILE B 177 -34.81 -11.52 1.75
N THR B 178 -36.10 -11.28 2.00
CA THR B 178 -36.70 -11.88 3.19
C THR B 178 -36.42 -13.37 3.22
N SER B 179 -36.65 -14.05 2.09
CA SER B 179 -36.43 -15.49 2.04
C SER B 179 -34.95 -15.85 2.11
N MET B 180 -34.10 -15.07 1.42
CA MET B 180 -32.65 -15.34 1.45
C MET B 180 -32.08 -15.20 2.85
N VAL B 181 -32.40 -14.08 3.55
CA VAL B 181 -31.86 -13.88 4.88
C VAL B 181 -32.30 -14.98 5.81
N ARG B 182 -33.59 -15.36 5.73
CA ARG B 182 -34.14 -16.42 6.55
C ARG B 182 -33.48 -17.76 6.25
N ALA B 183 -33.23 -18.05 4.98
CA ALA B 183 -32.57 -19.30 4.61
C ALA B 183 -31.10 -19.33 5.05
N LEU B 184 -30.41 -18.23 4.87
CA LEU B 184 -29.03 -18.15 5.38
C LEU B 184 -28.97 -18.30 6.92
N ASP B 185 -29.91 -17.70 7.62
CA ASP B 185 -29.89 -17.81 9.09
C ASP B 185 -30.21 -19.22 9.54
N GLU B 186 -31.19 -19.87 8.88
CA GLU B 186 -31.48 -21.26 9.22
C GLU B 186 -30.28 -22.14 8.94
N ALA B 187 -29.62 -21.93 7.78
CA ALA B 187 -28.48 -22.78 7.43
C ALA B 187 -27.42 -22.71 8.52
N MET B 188 -27.10 -21.50 8.97
CA MET B 188 -26.09 -21.38 10.01
C MET B 188 -26.59 -21.91 11.35
N ASN B 189 -27.89 -21.78 11.66
CA ASN B 189 -28.36 -22.24 12.94
C ASN B 189 -28.21 -23.75 13.06
N LYS B 190 -28.17 -24.46 11.94
CA LYS B 190 -28.06 -25.91 12.02
C LYS B 190 -26.73 -26.37 12.63
N LEU B 191 -25.74 -25.47 12.70
CA LEU B 191 -24.46 -25.84 13.30
C LEU B 191 -24.62 -26.28 14.74
N GLN B 192 -25.54 -25.66 15.46
CA GLN B 192 -25.63 -25.90 16.89
C GLN B 192 -26.63 -26.99 17.24
N ARG B 193 -27.36 -27.54 16.27
CA ARG B 193 -28.43 -28.50 16.56
C ARG B 193 -27.93 -29.93 16.74
N ALA B 194 -27.99 -30.43 17.97
CA ALA B 194 -27.56 -31.80 18.24
C ALA B 194 -28.55 -32.83 17.67
N ASN B 195 -29.84 -32.52 17.71
CA ASN B 195 -30.91 -33.44 17.31
C ASN B 195 -31.75 -32.78 16.22
N PRO B 196 -31.21 -32.67 15.02
CA PRO B 196 -31.89 -31.89 13.98
C PRO B 196 -33.19 -32.50 13.51
N ASP B 197 -33.48 -33.77 13.82
CA ASP B 197 -34.77 -34.37 13.50
C ASP B 197 -35.75 -34.32 14.67
N ASP B 198 -35.40 -33.58 15.73
CA ASP B 198 -36.37 -33.30 16.80
C ASP B 198 -37.58 -32.63 16.18
N PRO B 199 -38.81 -33.04 16.52
CA PRO B 199 -40.00 -32.36 15.98
C PRO B 199 -40.04 -30.85 16.27
N ALA B 200 -39.27 -30.37 17.26
CA ALA B 200 -39.18 -28.94 17.53
C ALA B 200 -38.71 -28.16 16.31
N TYR B 201 -38.04 -28.82 15.38
CA TYR B 201 -37.53 -28.15 14.18
C TYR B 201 -38.42 -28.36 12.97
N ASP B 202 -39.60 -28.97 13.14
CA ASP B 202 -40.48 -29.20 12.01
C ASP B 202 -40.83 -27.89 11.31
N GLU B 203 -41.17 -26.86 12.08
CA GLU B 203 -41.48 -25.55 11.48
C GLU B 203 -40.25 -24.93 10.82
N ASN B 204 -39.06 -25.09 11.42
CA ASN B 204 -37.87 -24.55 10.78
C ASN B 204 -37.68 -25.15 9.40
N LYS B 205 -37.90 -26.46 9.29
CA LYS B 205 -37.70 -27.16 8.02
C LYS B 205 -38.71 -26.72 6.98
N ARG B 206 -39.97 -26.59 7.38
CA ARG B 206 -41.02 -26.15 6.48
C ARG B 206 -40.71 -24.75 5.98
N GLN B 207 -40.29 -23.85 6.88
CA GLN B 207 -39.96 -22.50 6.47
C GLN B 207 -38.78 -22.50 5.52
N PHE B 208 -37.79 -23.37 5.80
CA PHE B 208 -36.59 -23.45 4.97
C PHE B 208 -36.98 -23.84 3.55
N GLN B 209 -37.82 -24.87 3.40
CA GLN B 209 -38.20 -25.28 2.04
C GLN B 209 -39.00 -24.20 1.33
N GLU B 210 -39.89 -23.50 2.04
CA GLU B 210 -40.66 -22.40 1.45
C GLU B 210 -39.73 -21.28 0.97
N ASP B 211 -38.74 -20.94 1.79
CA ASP B 211 -37.80 -19.90 1.38
C ASP B 211 -36.94 -20.35 0.20
N ILE B 212 -36.52 -21.62 0.20
CA ILE B 212 -35.76 -22.08 -0.95
C ILE B 212 -36.62 -22.01 -2.21
N LYS B 213 -37.91 -22.31 -2.07
CA LYS B 213 -38.81 -22.27 -3.22
C LYS B 213 -39.01 -20.84 -3.71
N VAL B 214 -39.11 -19.87 -2.80
CA VAL B 214 -39.22 -18.45 -3.20
C VAL B 214 -38.01 -18.03 -4.01
N MET B 215 -36.80 -18.36 -3.52
CA MET B 215 -35.58 -17.99 -4.25
C MET B 215 -35.56 -18.66 -5.61
N ASN B 216 -35.84 -19.97 -5.67
CA ASN B 216 -35.83 -20.68 -6.94
C ASN B 216 -36.90 -20.14 -7.90
N ASP B 217 -37.99 -19.61 -7.36
CA ASP B 217 -39.04 -19.04 -8.25
C ASP B 217 -38.51 -17.78 -8.94
N LEU B 218 -37.87 -16.89 -8.19
CA LEU B 218 -37.31 -15.68 -8.82
C LEU B 218 -36.27 -16.09 -9.87
N VAL B 219 -35.45 -17.09 -9.59
CA VAL B 219 -34.43 -17.50 -10.57
C VAL B 219 -35.07 -18.07 -11.82
N ASP B 220 -36.17 -18.81 -11.67
CA ASP B 220 -36.92 -19.21 -12.88
C ASP B 220 -37.48 -18.00 -13.65
N LYS B 221 -38.00 -17.00 -12.94
CA LYS B 221 -38.48 -15.78 -13.62
C LYS B 221 -37.36 -15.07 -14.37
N ILE B 222 -36.21 -14.89 -13.69
CA ILE B 222 -35.05 -14.27 -14.31
C ILE B 222 -34.67 -15.01 -15.57
N ILE B 223 -34.67 -16.36 -15.53
CA ILE B 223 -34.22 -17.12 -16.70
C ILE B 223 -35.26 -17.04 -17.79
N ALA B 224 -36.55 -17.18 -17.43
CA ALA B 224 -37.63 -17.15 -18.41
C ALA B 224 -37.72 -15.79 -19.08
N ASP B 225 -37.62 -14.69 -18.32
CA ASP B 225 -37.61 -13.34 -18.89
C ASP B 225 -36.50 -13.18 -19.94
N ARG B 226 -35.31 -13.64 -19.58
CA ARG B 226 -34.17 -13.52 -20.50
C ARG B 226 -34.47 -14.30 -21.77
N LYS B 227 -34.87 -15.54 -21.62
CA LYS B 227 -35.10 -16.31 -22.85
C LYS B 227 -36.30 -15.75 -23.66
N ALA B 228 -37.33 -15.23 -22.97
CA ALA B 228 -38.51 -14.67 -23.70
C ALA B 228 -38.05 -13.47 -24.49
N SER B 229 -37.33 -12.59 -23.82
CA SER B 229 -36.78 -11.41 -24.50
C SER B 229 -35.92 -12.00 -25.60
N GLY B 230 -34.96 -12.87 -25.22
CA GLY B 230 -34.03 -13.53 -26.17
C GLY B 230 -32.86 -12.65 -26.63
N GLU B 231 -32.97 -11.34 -26.41
CA GLU B 231 -32.02 -10.27 -26.76
C GLU B 231 -30.83 -10.50 -25.85
N GLN B 232 -29.66 -10.35 -26.44
CA GLN B 232 -28.43 -10.47 -25.64
C GLN B 232 -28.35 -9.18 -24.84
N SER B 233 -28.08 -9.33 -23.55
CA SER B 233 -27.87 -8.16 -22.66
C SER B 233 -26.38 -8.06 -22.32
N ASP B 234 -25.59 -8.95 -22.92
CA ASP B 234 -24.13 -9.10 -22.75
C ASP B 234 -23.83 -8.88 -21.28
N ASP B 235 -24.48 -9.64 -20.40
CA ASP B 235 -24.25 -9.53 -18.97
C ASP B 235 -23.89 -10.89 -18.39
N LEU B 236 -23.89 -11.02 -17.06
CA LEU B 236 -23.51 -12.30 -16.45
C LEU B 236 -24.43 -13.44 -16.89
N LEU B 237 -25.74 -13.21 -16.87
CA LEU B 237 -26.65 -14.26 -17.32
C LEU B 237 -26.38 -14.67 -18.78
N THR B 238 -26.06 -13.71 -19.66
CA THR B 238 -25.69 -14.08 -21.05
C THR B 238 -24.55 -15.09 -21.07
N HIS B 239 -23.51 -14.85 -20.29
CA HIS B 239 -22.41 -15.81 -20.26
C HIS B 239 -22.83 -17.13 -19.63
N MET B 240 -23.61 -17.09 -18.55
CA MET B 240 -24.04 -18.35 -17.93
C MET B 240 -24.84 -19.17 -18.96
N LEU B 241 -25.60 -18.51 -19.85
CA LEU B 241 -26.50 -19.23 -20.76
C LEU B 241 -25.81 -19.70 -22.03
N ASN B 242 -24.71 -19.04 -22.42
CA ASN B 242 -24.11 -19.25 -23.71
C ASN B 242 -22.65 -19.64 -23.68
N GLY B 243 -21.94 -19.35 -22.59
CA GLY B 243 -20.50 -19.59 -22.54
C GLY B 243 -20.14 -21.07 -22.53
N LYS B 244 -19.01 -21.41 -23.15
CA LYS B 244 -18.52 -22.79 -23.20
C LYS B 244 -17.19 -22.88 -22.47
N ASP B 245 -17.03 -23.90 -21.66
CA ASP B 245 -15.76 -24.10 -21.00
C ASP B 245 -14.72 -24.59 -22.00
N PRO B 246 -13.57 -23.94 -22.15
CA PRO B 246 -12.59 -24.44 -23.14
C PRO B 246 -12.04 -25.81 -22.81
N GLU B 247 -12.01 -26.21 -21.55
CA GLU B 247 -11.48 -27.52 -21.18
C GLU B 247 -12.45 -28.66 -21.53
N THR B 248 -13.62 -28.71 -20.89
CA THR B 248 -14.56 -29.78 -21.24
C THR B 248 -15.25 -29.52 -22.58
N GLY B 249 -15.27 -28.26 -23.06
CA GLY B 249 -16.08 -27.89 -24.22
C GLY B 249 -17.57 -27.70 -23.92
N GLU B 250 -17.97 -27.81 -22.67
CA GLU B 250 -19.40 -27.85 -22.32
C GLU B 250 -19.88 -26.49 -21.84
N PRO B 251 -21.15 -26.17 -22.06
CA PRO B 251 -21.77 -25.05 -21.35
C PRO B 251 -22.29 -25.53 -19.99
N LEU B 252 -22.66 -24.58 -19.14
CA LEU B 252 -23.30 -24.93 -17.88
C LEU B 252 -24.65 -25.61 -18.10
N ASP B 253 -24.95 -26.66 -17.32
CA ASP B 253 -26.25 -27.30 -17.44
C ASP B 253 -27.30 -26.47 -16.72
N ASP B 254 -28.56 -26.80 -16.98
CA ASP B 254 -29.59 -25.93 -16.44
C ASP B 254 -29.63 -25.98 -14.91
N GLU B 255 -29.39 -27.13 -14.30
CA GLU B 255 -29.42 -27.13 -12.84
C GLU B 255 -28.31 -26.24 -12.27
N ASN B 256 -27.12 -26.30 -12.86
CA ASN B 256 -26.00 -25.52 -12.32
C ASN B 256 -26.18 -24.02 -12.53
N ILE B 257 -26.77 -23.61 -13.65
CA ILE B 257 -27.03 -22.19 -13.85
C ILE B 257 -27.93 -21.62 -12.73
N ARG B 258 -28.95 -22.37 -12.33
CA ARG B 258 -29.78 -21.86 -11.24
C ARG B 258 -28.97 -21.69 -9.96
N TYR B 259 -28.11 -22.66 -9.66
CA TYR B 259 -27.26 -22.52 -8.48
C TYR B 259 -26.33 -21.32 -8.60
N GLN B 260 -25.79 -21.07 -9.80
CA GLN B 260 -24.91 -19.89 -9.91
C GLN B 260 -25.67 -18.58 -9.71
N ILE B 261 -26.89 -18.48 -10.26
CA ILE B 261 -27.64 -17.24 -10.08
C ILE B 261 -27.92 -16.99 -8.60
N ILE B 262 -28.32 -18.03 -7.88
CA ILE B 262 -28.53 -17.86 -6.42
C ILE B 262 -27.23 -17.43 -5.75
N THR B 263 -26.14 -18.10 -6.09
CA THR B 263 -24.83 -17.77 -5.51
C THR B 263 -24.48 -16.33 -5.75
N PHE B 264 -24.62 -15.89 -7.00
CA PHE B 264 -24.17 -14.54 -7.32
C PHE B 264 -25.10 -13.49 -6.77
N LEU B 265 -26.40 -13.77 -6.67
CA LEU B 265 -27.27 -12.77 -6.05
C LEU B 265 -26.93 -12.58 -4.59
N ILE B 266 -26.56 -13.65 -3.89
CA ILE B 266 -26.15 -13.55 -2.50
C ILE B 266 -24.75 -12.94 -2.38
N ALA B 267 -23.76 -13.58 -3.00
CA ALA B 267 -22.37 -13.14 -2.86
C ALA B 267 -22.16 -11.76 -3.45
N GLY B 268 -22.90 -11.44 -4.51
CA GLY B 268 -22.70 -10.20 -5.23
C GLY B 268 -23.26 -8.98 -4.52
N HIS B 269 -23.95 -9.19 -3.41
CA HIS B 269 -24.51 -8.02 -2.70
C HIS B 269 -24.21 -7.98 -1.19
N GLU B 270 -24.16 -9.06 -0.47
CA GLU B 270 -24.04 -8.94 0.98
C GLU B 270 -22.69 -8.32 1.53
N PRO B 271 -21.51 -8.92 1.24
CA PRO B 271 -20.30 -8.34 1.76
C PRO B 271 -20.02 -6.94 1.21
N THR B 272 -20.45 -6.64 -0.01
CA THR B 272 -20.27 -5.28 -0.54
C THR B 272 -21.10 -4.30 0.28
N SER B 273 -22.28 -4.70 0.73
CA SER B 273 -23.08 -3.77 1.53
C SER B 273 -22.42 -3.50 2.89
N GLY B 274 -21.83 -4.52 3.50
CA GLY B 274 -21.07 -4.29 4.71
C GLY B 274 -19.84 -3.41 4.48
N LEU B 275 -19.14 -3.60 3.37
CA LEU B 275 -17.96 -2.78 3.08
C LEU B 275 -18.33 -1.30 2.99
N LEU B 276 -19.37 -0.99 2.23
CA LEU B 276 -19.77 0.40 2.06
C LEU B 276 -20.18 1.00 3.41
N SER B 277 -20.84 0.20 4.24
CA SER B 277 -21.33 0.69 5.54
C SER B 277 -20.16 0.97 6.48
N PHE B 278 -19.22 0.01 6.55
CA PHE B 278 -18.02 0.23 7.38
C PHE B 278 -17.19 1.38 6.85
N ALA B 279 -17.08 1.52 5.52
CA ALA B 279 -16.28 2.63 5.01
C ALA B 279 -16.88 3.98 5.42
N LEU B 280 -18.21 4.13 5.33
CA LEU B 280 -18.81 5.41 5.74
C LEU B 280 -18.65 5.62 7.24
N TYR B 281 -18.77 4.53 8.01
CA TYR B 281 -18.55 4.66 9.45
C TYR B 281 -17.14 5.21 9.73
N PHE B 282 -16.12 4.61 9.13
CA PHE B 282 -14.77 5.09 9.44
C PHE B 282 -14.55 6.51 8.93
N LEU B 283 -15.17 6.88 7.81
CA LEU B 283 -15.03 8.24 7.32
C LEU B 283 -15.62 9.25 8.31
N VAL B 284 -16.82 8.99 8.84
CA VAL B 284 -17.40 9.99 9.75
C VAL B 284 -16.69 10.01 11.09
N LYS B 285 -16.02 8.92 11.48
CA LYS B 285 -15.24 8.92 12.71
C LYS B 285 -13.85 9.51 12.54
N ASN B 286 -13.41 9.77 11.30
CA ASN B 286 -12.05 10.21 11.03
C ASN B 286 -12.13 11.32 10.00
N PRO B 287 -12.57 12.51 10.41
CA PRO B 287 -12.87 13.56 9.44
C PRO B 287 -11.68 14.01 8.61
N HIS B 288 -10.42 13.85 9.07
CA HIS B 288 -9.31 14.20 8.17
C HIS B 288 -9.30 13.28 6.95
N VAL B 289 -9.62 12.00 7.17
CA VAL B 289 -9.72 11.05 6.04
C VAL B 289 -10.88 11.42 5.13
N LEU B 290 -12.04 11.75 5.70
CA LEU B 290 -13.19 12.16 4.89
C LEU B 290 -12.82 13.35 4.01
N GLN B 291 -12.12 14.33 4.59
CA GLN B 291 -11.75 15.51 3.80
C GLN B 291 -10.86 15.12 2.63
N LYS B 292 -9.88 14.22 2.84
CA LYS B 292 -8.99 13.83 1.74
C LYS B 292 -9.75 13.09 0.66
N ALA B 293 -10.64 12.21 1.09
CA ALA B 293 -11.42 11.42 0.14
C ALA B 293 -12.41 12.31 -0.63
N ALA B 294 -13.03 13.25 0.08
CA ALA B 294 -13.97 14.16 -0.59
C ALA B 294 -13.28 15.08 -1.58
N GLU B 295 -12.06 15.51 -1.27
CA GLU B 295 -11.33 16.36 -2.21
C GLU B 295 -11.05 15.57 -3.48
N GLU B 296 -10.66 14.32 -3.34
CA GLU B 296 -10.39 13.51 -4.54
C GLU B 296 -11.66 13.32 -5.36
N ALA B 297 -12.77 13.00 -4.70
CA ALA B 297 -14.01 12.82 -5.44
C ALA B 297 -14.38 14.09 -6.20
N ALA B 298 -14.27 15.25 -5.54
CA ALA B 298 -14.57 16.52 -6.20
C ALA B 298 -13.66 16.78 -7.38
N ARG B 299 -12.38 16.46 -7.25
CA ARG B 299 -11.43 16.77 -8.31
C ARG B 299 -11.64 15.88 -9.53
N VAL B 300 -11.94 14.60 -9.29
CA VAL B 300 -11.93 13.59 -10.35
C VAL B 300 -13.28 13.48 -11.02
N LEU B 301 -14.37 13.51 -10.24
CA LEU B 301 -15.73 13.29 -10.76
C LEU B 301 -16.34 14.60 -11.25
N VAL B 302 -15.84 15.06 -12.40
CA VAL B 302 -16.23 16.38 -12.88
C VAL B 302 -17.47 16.39 -13.74
N ASP B 303 -18.02 15.22 -14.08
CA ASP B 303 -19.19 15.16 -14.91
C ASP B 303 -20.42 14.78 -14.09
N PRO B 304 -21.60 15.03 -14.63
CA PRO B 304 -22.83 14.69 -13.88
C PRO B 304 -22.90 13.23 -13.53
N VAL B 305 -22.43 12.34 -14.41
CA VAL B 305 -22.28 10.96 -13.93
C VAL B 305 -20.86 10.47 -14.16
N PRO B 306 -20.36 9.62 -13.29
CA PRO B 306 -18.97 9.18 -13.40
C PRO B 306 -18.78 8.25 -14.58
N SER B 307 -17.63 8.38 -15.22
CA SER B 307 -17.21 7.43 -16.23
C SER B 307 -16.40 6.31 -15.58
N TYR B 308 -16.19 5.21 -16.28
CA TYR B 308 -15.35 4.13 -15.80
C TYR B 308 -13.93 4.63 -15.53
N LYS B 309 -13.39 5.34 -16.51
CA LYS B 309 -12.05 5.85 -16.37
C LYS B 309 -11.89 6.77 -15.16
N GLN B 310 -12.90 7.59 -14.90
CA GLN B 310 -12.87 8.41 -13.68
C GLN B 310 -12.86 7.59 -12.40
N VAL B 311 -13.72 6.57 -12.29
CA VAL B 311 -13.74 5.74 -11.08
C VAL B 311 -12.38 5.12 -10.81
N LYS B 312 -11.65 4.73 -11.88
CA LYS B 312 -10.31 4.16 -11.74
C LYS B 312 -9.29 5.14 -11.20
N GLN B 313 -9.54 6.43 -11.31
CA GLN B 313 -8.63 7.43 -10.75
C GLN B 313 -8.88 7.71 -9.28
N LEU B 314 -9.87 7.10 -8.65
CA LEU B 314 -10.19 7.42 -7.25
C LEU B 314 -9.31 6.59 -6.31
N LYS B 315 -8.02 6.89 -6.38
CA LYS B 315 -7.03 6.08 -5.68
C LYS B 315 -7.24 6.13 -4.16
N TYR B 316 -7.39 7.33 -3.59
CA TYR B 316 -7.57 7.42 -2.13
C TYR B 316 -8.90 6.83 -1.68
N VAL B 317 -9.97 6.95 -2.47
CA VAL B 317 -11.21 6.24 -2.14
C VAL B 317 -10.94 4.75 -2.07
N GLY B 318 -10.13 4.23 -2.99
CA GLY B 318 -9.76 2.82 -2.94
C GLY B 318 -8.95 2.45 -1.70
N MET B 319 -8.09 3.35 -1.25
CA MET B 319 -7.32 3.16 -0.01
C MET B 319 -8.24 3.14 1.20
N VAL B 320 -9.24 4.01 1.22
CA VAL B 320 -10.26 3.97 2.28
C VAL B 320 -10.97 2.62 2.31
N LEU B 321 -11.34 2.08 1.12
CA LEU B 321 -12.04 0.81 1.10
C LEU B 321 -11.15 -0.32 1.61
N ASN B 322 -9.89 -0.33 1.18
CA ASN B 322 -8.99 -1.39 1.64
C ASN B 322 -8.74 -1.29 3.14
N GLU B 323 -8.63 -0.07 3.70
CA GLU B 323 -8.41 0.00 5.15
C GLU B 323 -9.68 -0.34 5.91
N ALA B 324 -10.88 -0.11 5.32
CA ALA B 324 -12.07 -0.65 5.95
C ALA B 324 -12.11 -2.18 5.89
N LEU B 325 -11.70 -2.76 4.76
CA LEU B 325 -11.58 -4.23 4.69
C LEU B 325 -10.49 -4.76 5.61
N ARG B 326 -9.46 -3.97 5.93
CA ARG B 326 -8.45 -4.50 6.84
C ARG B 326 -9.06 -4.69 8.23
N LEU B 327 -9.75 -3.66 8.74
CA LEU B 327 -10.28 -3.76 10.08
C LEU B 327 -11.50 -4.68 10.15
N TRP B 328 -12.42 -4.60 9.16
CA TRP B 328 -13.64 -5.41 9.20
C TRP B 328 -13.86 -6.09 7.86
N PRO B 329 -13.09 -7.14 7.56
CA PRO B 329 -13.29 -7.86 6.28
C PRO B 329 -14.67 -8.51 6.33
N THR B 330 -15.52 -8.17 5.35
CA THR B 330 -16.91 -8.49 5.54
C THR B 330 -17.25 -9.91 5.13
N ALA B 331 -16.32 -10.67 4.56
CA ALA B 331 -16.45 -12.13 4.48
C ALA B 331 -15.37 -12.70 5.36
N PRO B 332 -15.61 -12.91 6.66
CA PRO B 332 -14.49 -12.82 7.60
C PRO B 332 -13.67 -14.08 7.80
N ALA B 333 -13.97 -15.18 7.13
CA ALA B 333 -13.17 -16.39 7.32
C ALA B 333 -13.26 -17.26 6.07
N PHE B 334 -12.25 -18.12 5.91
CA PHE B 334 -12.32 -19.21 4.94
C PHE B 334 -11.57 -20.41 5.49
N SER B 335 -11.90 -21.56 4.95
CA SER B 335 -11.48 -22.84 5.49
C SER B 335 -10.64 -23.59 4.47
N LEU B 336 -9.68 -24.39 4.97
CA LEU B 336 -8.73 -25.10 4.11
C LEU B 336 -8.57 -26.50 4.67
N TYR B 337 -8.08 -27.45 3.83
CA TYR B 337 -7.69 -28.75 4.36
C TYR B 337 -6.33 -29.12 3.79
N ALA B 338 -5.62 -29.94 4.53
CA ALA B 338 -4.28 -30.40 4.14
C ALA B 338 -4.42 -31.47 3.05
N LYS B 339 -3.80 -31.22 1.91
CA LYS B 339 -3.82 -32.19 0.81
C LYS B 339 -3.03 -33.45 1.13
N GLU B 340 -2.00 -33.35 1.99
CA GLU B 340 -1.15 -34.47 2.39
C GLU B 340 -0.64 -34.18 3.79
N ASP B 341 -0.07 -35.20 4.43
CA ASP B 341 0.63 -34.95 5.69
C ASP B 341 1.64 -33.83 5.50
N THR B 342 1.73 -32.91 6.47
CA THR B 342 2.63 -31.78 6.35
C THR B 342 2.83 -31.19 7.75
N VAL B 343 3.83 -30.35 7.88
CA VAL B 343 4.10 -29.67 9.15
C VAL B 343 3.88 -28.17 8.95
N LEU B 344 3.03 -27.58 9.77
CA LEU B 344 2.74 -26.16 9.66
C LEU B 344 3.67 -25.37 10.58
N GLY B 345 4.35 -24.38 10.02
CA GLY B 345 5.17 -23.48 10.80
C GLY B 345 6.34 -24.13 11.50
N GLY B 346 6.75 -25.30 11.05
CA GLY B 346 7.82 -26.02 11.69
C GLY B 346 7.49 -26.63 13.05
N GLU B 347 6.24 -26.52 13.51
CA GLU B 347 5.88 -26.90 14.89
C GLU B 347 4.61 -27.69 15.01
N TYR B 348 3.69 -27.61 14.05
CA TYR B 348 2.37 -28.20 14.17
C TYR B 348 2.18 -29.24 13.07
N PRO B 349 2.41 -30.52 13.36
CA PRO B 349 2.20 -31.55 12.34
C PRO B 349 0.70 -31.72 12.06
N LEU B 350 0.37 -31.79 10.77
CA LEU B 350 -1.00 -32.04 10.35
C LEU B 350 -1.05 -33.32 9.54
N GLU B 351 -2.17 -34.01 9.63
CA GLU B 351 -2.39 -35.19 8.81
C GLU B 351 -3.24 -34.81 7.60
N LYS B 352 -3.10 -35.60 6.53
CA LYS B 352 -3.97 -35.45 5.36
C LYS B 352 -5.42 -35.31 5.78
N GLY B 353 -6.09 -34.29 5.26
CA GLY B 353 -7.47 -34.06 5.54
C GLY B 353 -7.72 -33.10 6.69
N ASP B 354 -6.68 -32.79 7.49
CA ASP B 354 -6.89 -31.90 8.64
C ASP B 354 -7.35 -30.54 8.17
N GLU B 355 -8.24 -29.92 8.96
CA GLU B 355 -8.86 -28.66 8.60
C GLU B 355 -8.21 -27.45 9.31
N LEU B 356 -8.18 -26.34 8.60
CA LEU B 356 -7.74 -25.03 9.08
C LEU B 356 -8.82 -24.00 8.79
N MET B 357 -8.94 -22.99 9.67
CA MET B 357 -9.78 -21.83 9.43
C MET B 357 -8.88 -20.59 9.45
N VAL B 358 -9.03 -19.71 8.47
CA VAL B 358 -8.26 -18.45 8.45
C VAL B 358 -9.18 -17.38 9.00
N LEU B 359 -8.80 -16.81 10.15
CA LEU B 359 -9.58 -15.76 10.81
C LEU B 359 -9.08 -14.42 10.30
N ILE B 360 -9.74 -13.92 9.24
CA ILE B 360 -9.18 -12.77 8.48
C ILE B 360 -9.07 -11.52 9.35
N PRO B 361 -10.05 -11.17 10.20
CA PRO B 361 -9.86 -9.94 10.98
C PRO B 361 -8.64 -9.98 11.87
N GLN B 362 -8.26 -11.17 12.35
CA GLN B 362 -7.11 -11.28 13.21
C GLN B 362 -5.81 -11.28 12.40
N LEU B 363 -5.79 -11.93 11.25
CA LEU B 363 -4.66 -11.77 10.36
C LEU B 363 -4.36 -10.27 10.12
N HIS B 364 -5.41 -9.51 9.85
CA HIS B 364 -5.29 -8.06 9.57
C HIS B 364 -4.91 -7.22 10.78
N ARG B 365 -4.83 -7.84 11.97
CA ARG B 365 -4.39 -7.19 13.19
C ARG B 365 -3.04 -7.74 13.66
N ASP B 366 -2.29 -8.38 12.77
CA ASP B 366 -1.01 -8.97 13.14
C ASP B 366 0.01 -7.83 13.33
N LYS B 367 0.36 -7.54 14.61
CA LYS B 367 1.24 -6.38 14.85
C LYS B 367 2.62 -6.57 14.27
N THR B 368 3.04 -7.82 14.05
CA THR B 368 4.37 -7.96 13.44
C THR B 368 4.38 -7.50 11.98
N ILE B 369 3.23 -7.39 11.34
CA ILE B 369 3.14 -6.92 9.96
C ILE B 369 2.81 -5.43 9.90
N TRP B 370 1.81 -5.00 10.66
CA TRP B 370 1.28 -3.64 10.49
C TRP B 370 1.79 -2.62 11.51
N GLY B 371 2.50 -3.05 12.56
CA GLY B 371 2.90 -2.18 13.66
C GLY B 371 1.92 -2.29 14.82
N ASP B 372 2.26 -1.62 15.93
CA ASP B 372 1.44 -1.83 17.13
C ASP B 372 0.10 -1.07 17.06
N ASP B 373 -0.06 -0.10 16.16
CA ASP B 373 -1.30 0.69 16.08
C ASP B 373 -2.37 0.08 15.18
N VAL B 374 -2.48 -1.27 15.17
CA VAL B 374 -3.34 -1.96 14.21
C VAL B 374 -4.80 -1.57 14.35
N GLU B 375 -5.22 -1.08 15.51
CA GLU B 375 -6.65 -0.77 15.62
C GLU B 375 -7.00 0.58 15.02
N GLU B 376 -6.01 1.39 14.67
CA GLU B 376 -6.31 2.72 14.14
C GLU B 376 -6.67 2.61 12.66
N PHE B 377 -7.63 3.47 12.23
CA PHE B 377 -8.04 3.57 10.84
C PHE B 377 -7.14 4.58 10.13
N ARG B 378 -6.27 4.06 9.28
CA ARG B 378 -5.28 4.87 8.58
C ARG B 378 -5.13 4.41 7.09
N PRO B 379 -5.94 4.98 6.17
CA PRO B 379 -5.85 4.52 4.77
C PRO B 379 -4.49 4.65 4.18
N GLU B 380 -3.65 5.55 4.74
CA GLU B 380 -2.29 5.77 4.25
C GLU B 380 -1.42 4.50 4.37
N ARG B 381 -1.84 3.49 5.15
CA ARG B 381 -1.14 2.20 5.13
C ARG B 381 -1.11 1.60 3.73
N PHE B 382 -2.05 1.96 2.87
CA PHE B 382 -2.19 1.36 1.53
C PHE B 382 -1.74 2.31 0.42
N GLU B 383 -1.05 3.39 0.79
CA GLU B 383 -0.58 4.38 -0.17
C GLU B 383 0.35 3.74 -1.19
N ASN B 384 1.18 2.80 -0.75
CA ASN B 384 2.11 2.13 -1.63
C ASN B 384 1.81 0.65 -1.46
N PRO B 385 1.13 0.04 -2.43
CA PRO B 385 0.80 -1.37 -2.28
C PRO B 385 2.02 -2.26 -2.16
N SER B 386 3.20 -1.79 -2.58
CA SER B 386 4.40 -2.62 -2.50
C SER B 386 4.82 -2.86 -1.07
N ALA B 387 4.38 -2.04 -0.14
CA ALA B 387 4.76 -2.25 1.25
C ALA B 387 3.95 -3.34 1.94
N ILE B 388 2.97 -3.95 1.26
CA ILE B 388 2.14 -4.98 1.86
C ILE B 388 2.73 -6.35 1.50
N PRO B 389 3.24 -7.13 2.47
CA PRO B 389 3.77 -8.45 2.18
C PRO B 389 2.70 -9.41 1.66
N GLN B 390 3.18 -10.43 0.96
CA GLN B 390 2.28 -11.45 0.42
C GLN B 390 1.56 -12.15 1.58
N HIS B 391 0.26 -12.35 1.40
CA HIS B 391 -0.64 -13.04 2.31
C HIS B 391 -0.84 -12.30 3.63
N ALA B 392 -0.50 -11.02 3.70
CA ALA B 392 -0.82 -10.24 4.91
C ALA B 392 -2.24 -9.67 4.88
N PHE B 393 -2.75 -9.48 3.66
CA PHE B 393 -4.06 -8.84 3.46
C PHE B 393 -4.87 -9.72 2.52
N LYS B 394 -5.88 -10.42 3.06
CA LYS B 394 -6.65 -11.42 2.32
C LYS B 394 -8.21 -11.28 2.43
N PRO B 395 -8.75 -10.05 2.25
CA PRO B 395 -10.19 -9.95 2.38
C PRO B 395 -10.98 -10.70 1.30
N PHE B 396 -10.32 -11.05 0.21
CA PHE B 396 -10.98 -11.75 -0.88
C PHE B 396 -10.50 -13.18 -0.98
N GLY B 397 -9.93 -13.71 0.09
CA GLY B 397 -9.58 -15.14 0.01
C GLY B 397 -8.24 -15.36 -0.67
N ASN B 398 -8.06 -16.58 -1.18
CA ASN B 398 -6.74 -17.03 -1.64
C ASN B 398 -6.77 -17.82 -2.93
N GLY B 399 -5.81 -17.51 -3.80
CA GLY B 399 -5.45 -18.42 -4.89
C GLY B 399 -6.59 -18.61 -5.89
N GLN B 400 -6.64 -19.82 -6.47
CA GLN B 400 -7.68 -20.03 -7.49
C GLN B 400 -9.07 -20.03 -6.90
N ARG B 401 -9.18 -20.16 -5.57
CA ARG B 401 -10.50 -20.08 -4.91
C ARG B 401 -10.76 -18.70 -4.33
N ALA B 402 -10.03 -17.68 -4.77
CA ALA B 402 -10.32 -16.33 -4.28
C ALA B 402 -11.64 -15.82 -4.89
N CYS B 403 -12.10 -14.70 -4.35
CA CYS B 403 -13.35 -14.09 -4.79
C CYS B 403 -13.32 -13.78 -6.29
N ILE B 404 -14.22 -14.38 -7.08
CA ILE B 404 -14.22 -14.02 -8.52
C ILE B 404 -14.77 -12.62 -8.72
N GLY B 405 -15.49 -12.09 -7.74
CA GLY B 405 -16.16 -10.80 -7.83
C GLY B 405 -15.38 -9.65 -7.23
N GLN B 406 -14.08 -9.84 -6.94
CA GLN B 406 -13.33 -8.79 -6.25
C GLN B 406 -13.40 -7.47 -7.04
N GLN B 407 -13.07 -7.52 -8.34
CA GLN B 407 -13.01 -6.25 -9.09
C GLN B 407 -14.38 -5.63 -9.27
N PHE B 408 -15.43 -6.46 -9.36
CA PHE B 408 -16.80 -5.94 -9.40
C PHE B 408 -17.14 -5.21 -8.11
N ALA B 409 -16.88 -5.83 -6.96
CA ALA B 409 -17.19 -5.24 -5.67
C ALA B 409 -16.45 -3.92 -5.49
N LEU B 410 -15.17 -3.92 -5.82
CA LEU B 410 -14.39 -2.71 -5.56
C LEU B 410 -14.76 -1.59 -6.54
N HIS B 411 -15.11 -1.94 -7.79
CA HIS B 411 -15.53 -0.91 -8.72
C HIS B 411 -16.84 -0.27 -8.27
N GLU B 412 -17.83 -1.12 -7.92
CA GLU B 412 -19.12 -0.63 -7.43
C GLU B 412 -18.92 0.24 -6.19
N ALA B 413 -18.13 -0.25 -5.22
CA ALA B 413 -17.97 0.48 -3.96
C ALA B 413 -17.22 1.79 -4.16
N THR B 414 -16.24 1.79 -5.06
CA THR B 414 -15.49 3.03 -5.30
C THR B 414 -16.39 4.05 -5.99
N LEU B 415 -17.16 3.60 -6.98
CA LEU B 415 -18.11 4.51 -7.66
C LEU B 415 -19.10 5.13 -6.69
N VAL B 416 -19.70 4.30 -5.85
CA VAL B 416 -20.75 4.75 -4.97
C VAL B 416 -20.20 5.65 -3.89
N LEU B 417 -19.09 5.25 -3.25
CA LEU B 417 -18.51 6.12 -2.23
C LEU B 417 -18.05 7.43 -2.85
N GLY B 418 -17.49 7.37 -4.07
CA GLY B 418 -17.06 8.63 -4.70
C GLY B 418 -18.24 9.57 -4.95
N MET B 419 -19.36 9.02 -5.44
CA MET B 419 -20.53 9.87 -5.65
C MET B 419 -21.05 10.40 -4.32
N MET B 420 -21.08 9.56 -3.28
CA MET B 420 -21.57 10.04 -1.98
C MET B 420 -20.73 11.22 -1.51
N LEU B 421 -19.41 11.09 -1.59
CA LEU B 421 -18.49 12.15 -1.13
C LEU B 421 -18.56 13.38 -2.00
N LYS B 422 -18.87 13.23 -3.31
CA LYS B 422 -19.04 14.39 -4.17
C LYS B 422 -20.28 15.19 -3.81
N HIS B 423 -21.38 14.49 -3.47
CA HIS B 423 -22.68 15.14 -3.41
C HIS B 423 -23.13 15.57 -2.01
N PHE B 424 -22.53 15.06 -0.93
CA PHE B 424 -22.99 15.35 0.42
C PHE B 424 -21.83 15.57 1.40
N ASP B 425 -22.10 16.39 2.40
CA ASP B 425 -21.36 16.37 3.67
C ASP B 425 -22.09 15.44 4.62
N PHE B 426 -21.33 14.77 5.49
CA PHE B 426 -21.92 13.80 6.41
C PHE B 426 -21.69 14.17 7.88
N GLU B 427 -22.68 13.88 8.71
CA GLU B 427 -22.65 14.15 10.14
C GLU B 427 -22.98 12.86 10.88
N ASP B 428 -22.16 12.53 11.87
CA ASP B 428 -22.40 11.45 12.84
C ASP B 428 -23.24 12.03 13.99
N HIS B 429 -24.54 12.27 13.72
CA HIS B 429 -25.35 13.10 14.61
C HIS B 429 -25.70 12.39 15.90
N THR B 430 -25.60 11.05 15.96
CA THR B 430 -25.84 10.35 17.22
C THR B 430 -24.57 9.94 17.96
N ASN B 431 -23.39 10.25 17.44
CA ASN B 431 -22.14 9.70 18.01
C ASN B 431 -22.25 8.18 18.15
N TYR B 432 -22.48 7.57 17.00
CA TYR B 432 -22.88 6.16 16.91
C TYR B 432 -21.80 5.26 17.49
N GLU B 433 -22.21 4.31 18.33
CA GLU B 433 -21.33 3.33 18.95
C GLU B 433 -21.37 2.05 18.12
N LEU B 434 -20.20 1.64 17.64
CA LEU B 434 -20.15 0.53 16.70
C LEU B 434 -20.71 -0.73 17.35
N ASP B 435 -21.66 -1.35 16.64
CA ASP B 435 -22.31 -2.59 17.06
C ASP B 435 -22.34 -3.46 15.80
N ILE B 436 -21.56 -4.55 15.77
CA ILE B 436 -21.39 -5.27 14.52
C ILE B 436 -22.27 -6.50 14.56
N LYS B 437 -23.28 -6.51 13.67
CA LYS B 437 -24.20 -7.61 13.51
C LYS B 437 -23.60 -8.63 12.54
N GLU B 438 -23.77 -9.91 12.85
CA GLU B 438 -23.16 -11.02 12.08
C GLU B 438 -24.25 -11.84 11.43
N THR B 439 -24.15 -11.97 10.11
CA THR B 439 -25.01 -12.85 9.34
C THR B 439 -24.11 -13.76 8.52
N LEU B 440 -24.34 -13.89 7.21
CA LEU B 440 -23.26 -14.41 6.37
C LEU B 440 -22.08 -13.44 6.36
N THR B 441 -22.35 -12.15 6.59
CA THR B 441 -21.32 -11.11 6.55
C THR B 441 -21.36 -10.29 7.84
N LEU B 442 -20.60 -9.20 7.92
CA LEU B 442 -20.58 -8.29 9.06
C LEU B 442 -21.11 -6.94 8.64
N LYS B 443 -21.88 -6.28 9.48
CA LYS B 443 -22.41 -4.94 9.17
C LYS B 443 -22.55 -4.14 10.47
N PRO B 444 -22.40 -2.80 10.41
CA PRO B 444 -22.63 -1.96 11.60
C PRO B 444 -24.09 -1.66 11.82
N GLU B 445 -24.69 -2.45 12.69
CA GLU B 445 -26.13 -2.41 12.89
C GLU B 445 -26.51 -1.07 13.52
N GLY B 446 -27.57 -0.46 13.00
CA GLY B 446 -28.08 0.77 13.58
C GLY B 446 -27.28 1.99 13.23
N PHE B 447 -26.32 1.88 12.33
CA PHE B 447 -25.53 3.06 11.97
C PHE B 447 -26.39 4.02 11.16
N VAL B 448 -26.44 5.30 11.62
CA VAL B 448 -27.28 6.31 11.00
C VAL B 448 -26.39 7.56 10.87
N VAL B 449 -26.63 8.34 9.80
CA VAL B 449 -25.93 9.62 9.59
C VAL B 449 -26.94 10.65 9.06
N LYS B 450 -26.53 11.92 9.09
CA LYS B 450 -27.30 12.93 8.37
C LYS B 450 -26.45 13.38 7.21
N ALA B 451 -27.05 13.59 6.05
CA ALA B 451 -26.26 13.99 4.88
C ALA B 451 -26.80 15.29 4.34
N LYS B 452 -25.97 16.33 4.36
CA LYS B 452 -26.35 17.66 3.88
C LYS B 452 -25.90 17.81 2.44
N SER B 453 -26.85 18.07 1.54
CA SER B 453 -26.51 18.17 0.13
C SER B 453 -25.54 19.31 -0.14
N LYS B 454 -24.52 19.05 -0.95
CA LYS B 454 -23.70 20.14 -1.51
C LYS B 454 -24.36 20.80 -2.71
N LYS B 455 -25.53 20.32 -3.12
CA LYS B 455 -26.38 20.92 -4.17
C LYS B 455 -25.69 20.96 -5.53
N ILE B 456 -25.06 19.83 -5.85
CA ILE B 456 -24.38 19.63 -7.13
C ILE B 456 -25.29 18.79 -8.01
N PRO B 457 -25.70 19.28 -9.16
CA PRO B 457 -26.73 18.57 -9.93
C PRO B 457 -26.21 17.30 -10.57
N LEU B 458 -27.16 16.38 -10.84
CA LEU B 458 -26.89 15.14 -11.56
C LEU B 458 -27.34 15.29 -13.02
N HOA C . 17.55 7.07 -3.73
O HOA C . 18.79 7.23 -3.03
CHA HEM D . 14.26 5.92 -5.65
CHB HEM D . 14.77 9.43 -2.31
CHC HEM D . 17.38 6.34 0.47
CHD HEM D . 17.36 3.11 -3.19
C1A HEM D . 14.19 7.10 -4.96
C2A HEM D . 13.41 8.26 -5.42
C3A HEM D . 13.57 9.25 -4.48
C4A HEM D . 14.43 8.71 -3.42
CMA HEM D . 13.01 10.70 -4.47
CAA HEM D . 12.59 8.39 -6.73
CBA HEM D . 13.55 8.93 -7.81
CGA HEM D . 12.87 9.18 -9.16
O1A HEM D . 13.60 9.48 -10.15
O2A HEM D . 11.63 9.12 -9.23
C1B HEM D . 15.52 8.86 -1.28
C2B HEM D . 15.84 9.55 -0.05
C3B HEM D . 16.56 8.71 0.71
C4B HEM D . 16.73 7.46 -0.02
CMB HEM D . 15.40 10.97 0.32
CAB HEM D . 17.14 8.84 2.15
CBB HEM D . 16.70 9.68 3.09
C1C HEM D . 17.56 5.17 -0.28
C2C HEM D . 18.17 3.96 0.21
C3C HEM D . 18.17 3.07 -0.80
C4C HEM D . 17.56 3.69 -1.95
CMC HEM D . 18.67 3.82 1.67
CAC HEM D . 18.71 1.62 -0.82
CBC HEM D . 18.85 0.95 0.35
C1D HEM D . 16.51 3.61 -4.15
C2D HEM D . 16.23 2.94 -5.39
C3D HEM D . 15.31 3.68 -6.06
C4D HEM D . 15.05 4.86 -5.28
CMD HEM D . 16.81 1.59 -5.85
CAD HEM D . 14.70 3.36 -7.41
CBD HEM D . 13.35 2.62 -7.10
CGD HEM D . 12.60 2.15 -8.35
O1D HEM D . 12.43 2.96 -9.26
O2D HEM D . 12.19 0.96 -8.45
NA HEM D . 14.83 7.43 -3.76
NB HEM D . 16.07 7.57 -1.26
NC HEM D . 17.18 4.96 -1.59
ND HEM D . 15.83 4.83 -4.15
FE HEM D . 15.95 6.19 -2.66
CAA 3H0 E . 17.21 7.02 -7.12
CAG 3H0 E . 18.41 6.31 -6.51
CAH 3H0 E . 19.70 7.14 -6.54
CAI 3H0 E . 20.53 6.68 -7.72
CAE 3H0 E . 21.41 5.62 -7.59
CAC 3H0 E . 22.16 5.19 -8.66
CAB 3H0 E . 22.01 5.81 -9.88
CAD 3H0 E . 21.12 6.87 -10.02
CAF 3H0 E . 20.37 7.31 -8.94
C02 IRV F . 17.06 18.89 -12.13
C02 IRV F . 17.57 16.02 -10.92
C04 IRV F . 17.17 18.42 -14.73
C04 IRV F . 17.79 18.56 -10.97
C05 IRV F . 17.96 19.65 -15.21
C05 IRV F . 18.70 19.69 -10.51
C06 IRV F . 17.69 20.00 -16.66
C06 IRV F . 19.97 19.81 -11.34
C07 IRV F . 18.67 19.91 -17.65
C07 IRV F . 21.09 19.08 -10.99
C08 IRV F . 18.33 20.25 -18.96
C08 IRV F . 22.23 19.17 -11.77
C09 IRV F . 17.07 20.70 -19.29
C09 IRV F . 22.22 20.00 -12.85
C10 IRV F . 16.11 20.80 -18.30
C10 IRV F . 21.12 20.73 -13.20
C11 IRV F . 16.44 20.46 -17.00
C11 IRV F . 19.96 20.64 -12.43
C12 IRV F . 17.64 17.19 -15.48
C12 IRV F . 17.30 18.76 -12.42
C15 IRV F . 17.55 18.45 -10.75
C15 IRV F . 18.28 14.69 -10.60
C16 IRV F . 18.31 17.12 -10.85
C16 IRV F . 18.13 14.50 -9.08
C17 IRV F . 17.31 15.98 -10.71
C17 IRV F . 18.44 13.09 -8.54
C18 IRV F . 18.04 14.68 -10.37
C18 IRV F . 17.71 12.85 -7.21
C20 IRV F . 17.28 14.97 -8.03
C20 IRV F . 19.10 11.44 -5.78
C21 IRV F . 17.19 14.12 -6.94
C21 IRV F . 19.05 10.13 -5.35
C23 IRV F . 17.97 13.00 -8.57
C23 IRV F . 17.37 10.49 -6.68
N03 IRV F . 17.50 18.16 -13.33
N03 IRV F . 18.38 17.22 -10.74
N19 IRV F . 17.74 14.24 -9.02
N19 IRV F . 18.06 11.62 -6.57
N22 IRV F . 17.63 12.92 -7.30
N22 IRV F . 17.98 9.59 -5.93
O01 IRV F . 16.32 19.81 -12.17
O01 IRV F . 16.41 16.03 -11.28
O13 IRV F . 18.60 16.49 -15.02
O13 IRV F . 17.85 18.16 -13.38
O14 IRV F . 17.06 16.91 -16.57
O14 IRV F . 16.32 19.55 -12.64
CAA 3H0 G . -18.09 -17.19 -0.90
CAG 3H0 G . -19.17 -16.47 -1.72
CAH 3H0 G . -20.32 -16.04 -0.81
CAI 3H0 G . -21.36 -17.15 -0.75
CAE 3H0 G . -22.31 -17.25 -1.75
CAC 3H0 G . -23.24 -18.26 -1.72
CAB 3H0 G . -23.19 -19.17 -0.69
CAD 3H0 G . -22.24 -19.08 0.32
CAF 3H0 G . -21.30 -18.06 0.29
N HOA H . -18.24 -13.54 -1.65
O HOA H . -19.41 -12.74 -1.49
CHA HEM I . -15.40 -16.05 -2.93
CHB HEM I . -15.04 -12.12 -0.20
CHC HEM I . -17.89 -9.62 -3.19
CHD HEM I . -18.73 -13.79 -5.68
C1A HEM I . -15.04 -15.18 -1.93
C2A HEM I . -14.13 -15.50 -0.86
C3A HEM I . -14.03 -14.41 -0.09
C4A HEM I . -14.89 -13.41 -0.66
CMA HEM I . -13.21 -14.27 1.19
CAA HEM I . -13.46 -16.87 -0.62
CBA HEM I . -14.40 -17.73 0.23
CGA HEM I . -13.82 -19.11 0.58
O1A HEM I . -14.56 -19.90 1.14
O2A HEM I . -12.60 -19.34 0.39
C1B HEM I . -15.75 -11.14 -0.78
C2B HEM I . -15.80 -9.77 -0.31
C3B HEM I . -16.64 -9.07 -1.13
C4B HEM I . -17.08 -9.97 -2.16
CMB HEM I . -15.07 -9.23 0.94
CAB HEM I . -17.12 -7.61 -1.16
CBB HEM I . -16.44 -6.63 -0.51
C1C HEM I . -18.28 -10.56 -4.15
C2C HEM I . -19.08 -10.23 -5.32
C3C HEM I . -19.31 -11.34 -5.99
C4C HEM I . -18.67 -12.44 -5.26
CMC HEM I . -19.50 -8.78 -5.68
CAC HEM I . -20.11 -11.54 -7.29
CBC HEM I . -20.14 -10.61 -8.28
C1D HEM I . -17.90 -14.76 -5.13
C2D HEM I . -17.81 -16.11 -5.56
C3D HEM I . -16.87 -16.74 -4.83
C4D HEM I . -16.37 -15.79 -3.88
CMD HEM I . -18.66 -16.73 -6.72
CAD HEM I . -16.43 -18.20 -4.98
CBD HEM I . -15.26 -18.20 -6.00
CGD HEM I . -14.77 -19.63 -6.28
O1D HEM I . -14.46 -20.35 -5.32
O2D HEM I . -14.65 -20.02 -7.46
NA HEM I . -15.51 -13.92 -1.76
NB HEM I . -16.57 -11.22 -1.90
NC HEM I . -18.04 -11.91 -4.15
ND HEM I . -17.03 -14.60 -4.08
FE HEM I . -16.72 -12.90 -2.99
C02 IRV J . -16.61 -19.83 11.20
C02 IRV J . -17.49 -19.04 8.25
C04 IRV J . -17.05 -22.41 11.21
C04 IRV J . -17.24 -18.69 10.76
C05 IRV J . -17.77 -22.68 12.52
C05 IRV J . -17.88 -17.87 11.90
C06 IRV J . -17.48 -24.01 13.17
C06 IRV J . -19.16 -18.47 12.33
C07 IRV J . -16.20 -24.42 13.48
C07 IRV J . -19.17 -19.44 13.34
C08 IRV J . -16.02 -25.63 14.11
C08 IRV J . -20.37 -19.99 13.71
C09 IRV J . -17.12 -26.43 14.44
C09 IRV J . -21.53 -19.62 13.06
C10 IRV J . -18.39 -26.03 14.11
C10 IRV J . -21.52 -18.66 12.06
C11 IRV J . -18.57 -24.80 13.49
C11 IRV J . -20.33 -18.09 11.68
C12 IRV J . -17.75 -23.30 10.23
C12 IRV J . -16.82 -20.10 11.18
C15 IRV J . -16.99 -18.45 10.65
C15 IRV J . -18.37 -18.84 7.01
C16 IRV J . -16.85 -18.39 9.14
C16 IRV J . -17.97 -17.46 6.46
C17 IRV J . -18.21 -18.37 8.46
C17 IRV J . -18.28 -17.19 4.98
C18 IRV J . -18.10 -18.61 6.96
C18 IRV J . -17.47 -16.00 4.43
C20 IRV J . -17.03 -16.36 6.60
C20 IRV J . -19.13 -14.60 3.24
C21 IRV J . -17.05 -15.44 5.54
C21 IRV J . -19.36 -14.27 1.91
C23 IRV J . -18.24 -17.13 4.99
C23 IRV J . -17.69 -15.64 2.02
N03 IRV J . -17.31 -21.04 10.77
N03 IRV J . -18.04 -18.62 9.53
N19 IRV J . -17.76 -17.39 6.21
N19 IRV J . -18.09 -15.41 3.26
N22 IRV J . -17.79 -15.95 4.58
N22 IRV J . -18.46 -14.95 1.21
O01 IRV J . -15.71 -19.88 11.97
O01 IRV J . -16.40 -19.52 8.11
O13 IRV J . -17.34 -24.47 10.06
O13 IRV J . -17.55 -21.13 10.94
O14 IRV J . -18.79 -22.84 9.69
O14 IRV J . -15.69 -20.24 11.76
#